data_7ACF
#
_entry.id   7ACF
#
_cell.length_a   67.664
_cell.length_b   67.664
_cell.length_c   312.136
_cell.angle_alpha   90.00
_cell.angle_beta   90.00
_cell.angle_gamma   120.00
#
_symmetry.space_group_name_H-M   'P 31 1 2'
#
loop_
_entity.id
_entity.type
_entity.pdbx_description
1 polymer 'GTPase KRas'
2 non-polymer 'MAGNESIUM ION'
3 non-polymer 'PHOSPHOMETHYLPHOSPHONIC ACID GUANYLATE ESTER'
4 non-polymer (3~{S})-5-oxidanyl-3-[2-[[6-[[3-[(1~{S})-6-oxidanyl-3-oxidanylidene-1,2-dihydroisoindol-1-yl]-1~{H}-indol-2-yl]methylamino]hexylamino]methyl]-1~{H}-indol-3-yl]-2,3-dihydroisoindol-1-one
5 water water
#
_entity_poly.entity_id   1
_entity_poly.type   'polypeptide(L)'
_entity_poly.pdbx_seq_one_letter_code
;GMTEYKLVVVGADGVGKSALTIQLIQNHFVDEYDPTIEDSYRKQVVIDGETCLLDILDTAGQEEYSAMRDQYMRTGEGFL
CVFAINNTKSFEDIHHYREQIKRVKDSEDVPMVLVGNKCDLPSRTVDTKQAQDLARSYGIPFIETSAKTRQGVDDAFYTL
VREIRKHKEK
;
_entity_poly.pdbx_strand_id   A,B,C,D
#
loop_
_chem_comp.id
_chem_comp.type
_chem_comp.name
_chem_comp.formula
GCP non-polymer 'PHOSPHOMETHYLPHOSPHONIC ACID GUANYLATE ESTER' 'C11 H18 N5 O13 P3'
MG non-polymer 'MAGNESIUM ION' 'Mg 2'
R6W non-polymer (3~{S})-5-oxidanyl-3-[2-[[6-[[3-[(1~{S})-6-oxidanyl-3-oxidanylidene-1,2-dihydroisoindol-1-yl]-1~{H}-indol-2-yl]methylamino]hexylamino]methyl]-1~{H}-indol-3-yl]-2,3-dihydroisoindol-1-one 'C40 H40 N6 O4'
#
# COMPACT_ATOMS: atom_id res chain seq x y z
N GLY A 1 -12.92 -2.99 14.36
CA GLY A 1 -13.37 -2.05 13.35
C GLY A 1 -12.48 -0.82 13.27
N MET A 2 -12.38 -0.07 14.39
CA MET A 2 -11.59 1.16 14.58
C MET A 2 -10.38 0.84 15.48
N THR A 3 -9.16 1.16 15.01
CA THR A 3 -7.93 0.94 15.77
C THR A 3 -7.03 2.17 15.67
N GLU A 4 -6.47 2.61 16.82
CA GLU A 4 -5.53 3.72 16.86
C GLU A 4 -4.11 3.20 16.71
N TYR A 5 -3.27 3.92 15.95
CA TYR A 5 -1.87 3.57 15.77
C TYR A 5 -1.00 4.78 16.03
N LYS A 6 -0.01 4.64 16.91
CA LYS A 6 0.94 5.71 17.20
C LYS A 6 2.19 5.49 16.36
N LEU A 7 2.41 6.38 15.38
CA LEU A 7 3.53 6.32 14.44
C LEU A 7 4.48 7.45 14.72
N VAL A 8 5.80 7.19 14.61
CA VAL A 8 6.82 8.22 14.86
C VAL A 8 7.70 8.35 13.62
N VAL A 9 7.87 9.58 13.12
CA VAL A 9 8.72 9.85 11.96
C VAL A 9 10.01 10.45 12.49
N VAL A 10 11.13 9.72 12.31
CA VAL A 10 12.46 10.13 12.78
C VAL A 10 13.43 10.27 11.60
N GLY A 11 14.51 11.00 11.82
CA GLY A 11 15.53 11.21 10.81
C GLY A 11 16.26 12.53 10.96
N ALA A 12 17.41 12.65 10.28
CA ALA A 12 18.27 13.82 10.32
C ALA A 12 17.61 15.11 9.81
N ASP A 13 18.28 16.25 10.04
CA ASP A 13 17.87 17.58 9.59
C ASP A 13 17.59 17.62 8.08
N GLY A 14 16.42 18.13 7.72
CA GLY A 14 16.04 18.38 6.33
C GLY A 14 15.77 17.22 5.41
N VAL A 15 15.59 15.99 5.95
CA VAL A 15 15.33 14.80 5.13
C VAL A 15 13.91 14.80 4.51
N GLY A 16 13.01 15.61 5.08
CA GLY A 16 11.64 15.74 4.60
C GLY A 16 10.59 15.05 5.46
N LYS A 17 10.87 14.92 6.77
CA LYS A 17 9.94 14.28 7.73
C LYS A 17 8.59 15.01 7.75
N SER A 18 8.61 16.35 7.89
CA SER A 18 7.39 17.16 7.92
C SER A 18 6.65 17.13 6.60
N ALA A 19 7.39 17.27 5.48
CA ALA A 19 6.79 17.26 4.15
C ALA A 19 6.09 15.93 3.85
N LEU A 20 6.66 14.79 4.29
CA LEU A 20 6.05 13.48 4.10
C LEU A 20 4.73 13.37 4.85
N THR A 21 4.73 13.83 6.11
CA THR A 21 3.55 13.81 6.98
C THR A 21 2.46 14.75 6.45
N ILE A 22 2.83 15.99 6.06
CA ILE A 22 1.89 17.02 5.54
C ILE A 22 1.28 16.53 4.22
N GLN A 23 2.01 15.75 3.41
CA GLN A 23 1.45 15.19 2.18
C GLN A 23 0.36 14.20 2.54
N LEU A 24 0.66 13.27 3.46
CA LEU A 24 -0.30 12.28 3.90
C LEU A 24 -1.57 12.90 4.51
N ILE A 25 -1.42 13.91 5.39
CA ILE A 25 -2.52 14.59 6.11
C ILE A 25 -3.29 15.65 5.26
N GLN A 26 -2.57 16.59 4.63
CA GLN A 26 -3.14 17.75 3.93
C GLN A 26 -3.12 17.70 2.39
N ASN A 27 -2.54 16.65 1.79
CA ASN A 27 -2.50 16.45 0.34
C ASN A 27 -1.81 17.58 -0.47
N HIS A 28 -0.73 18.17 0.09
CA HIS A 28 0.05 19.21 -0.60
C HIS A 28 1.52 19.18 -0.18
N PHE A 29 2.40 19.67 -1.07
CA PHE A 29 3.83 19.70 -0.80
C PHE A 29 4.26 21.05 -0.23
N VAL A 30 5.01 21.00 0.87
CA VAL A 30 5.55 22.20 1.51
C VAL A 30 6.97 22.46 0.98
N ASP A 31 7.14 23.53 0.19
CA ASP A 31 8.43 23.88 -0.42
C ASP A 31 9.35 24.56 0.59
N GLU A 32 8.75 25.22 1.60
CA GLU A 32 9.44 25.91 2.68
C GLU A 32 10.16 24.96 3.62
N TYR A 33 11.25 25.45 4.20
CA TYR A 33 12.03 24.72 5.19
C TYR A 33 11.83 25.43 6.54
N ASP A 34 10.99 24.84 7.40
CA ASP A 34 10.65 25.35 8.73
C ASP A 34 10.97 24.26 9.77
N PRO A 35 12.10 24.39 10.51
CA PRO A 35 12.47 23.33 11.45
C PRO A 35 11.44 22.99 12.50
N THR A 36 11.22 21.70 12.71
CA THR A 36 10.23 21.20 13.65
C THR A 36 10.82 21.11 15.05
N ILE A 37 10.00 21.43 16.06
CA ILE A 37 10.36 21.21 17.46
C ILE A 37 9.70 19.86 17.71
N GLU A 38 8.35 19.81 17.66
CA GLU A 38 7.56 18.59 17.78
C GLU A 38 6.11 18.87 17.42
N ASP A 39 5.57 18.09 16.48
CA ASP A 39 4.18 18.23 16.06
C ASP A 39 3.54 16.87 15.92
N SER A 40 2.23 16.78 16.14
CA SER A 40 1.50 15.52 15.99
C SER A 40 0.25 15.77 15.16
N TYR A 41 -0.16 14.75 14.40
CA TYR A 41 -1.30 14.84 13.50
C TYR A 41 -2.13 13.58 13.57
N ARG A 42 -3.46 13.73 13.45
CA ARG A 42 -4.36 12.59 13.37
C ARG A 42 -4.89 12.45 11.96
N LYS A 43 -5.11 11.21 11.52
CA LYS A 43 -5.68 10.93 10.22
C LYS A 43 -6.40 9.60 10.26
N GLN A 44 -7.68 9.60 9.88
CA GLN A 44 -8.48 8.38 9.81
C GLN A 44 -8.36 7.86 8.37
N VAL A 45 -7.83 6.65 8.21
CA VAL A 45 -7.60 6.03 6.91
C VAL A 45 -8.06 4.57 6.94
N VAL A 46 -8.41 4.05 5.77
CA VAL A 46 -8.79 2.66 5.62
C VAL A 46 -7.57 1.94 5.06
N ILE A 47 -7.06 0.95 5.80
CA ILE A 47 -5.91 0.16 5.37
C ILE A 47 -6.31 -1.30 5.37
N ASP A 48 -6.31 -1.94 4.17
CA ASP A 48 -6.72 -3.34 3.97
C ASP A 48 -8.11 -3.62 4.58
N GLY A 49 -9.05 -2.70 4.33
CA GLY A 49 -10.42 -2.78 4.82
C GLY A 49 -10.65 -2.37 6.27
N GLU A 50 -9.58 -2.10 7.02
CA GLU A 50 -9.68 -1.74 8.44
C GLU A 50 -9.59 -0.23 8.65
N THR A 51 -10.51 0.32 9.47
CA THR A 51 -10.51 1.75 9.83
C THR A 51 -9.40 2.03 10.87
N CYS A 52 -8.36 2.75 10.44
CA CYS A 52 -7.22 3.09 11.27
C CYS A 52 -7.21 4.58 11.62
N LEU A 53 -7.04 4.91 12.91
CA LEU A 53 -6.86 6.30 13.31
C LEU A 53 -5.39 6.47 13.60
N LEU A 54 -4.70 7.10 12.67
CA LEU A 54 -3.27 7.32 12.81
C LEU A 54 -3.00 8.53 13.68
N ASP A 55 -2.06 8.39 14.62
CA ASP A 55 -1.59 9.47 15.50
C ASP A 55 -0.11 9.53 15.21
N ILE A 56 0.27 10.48 14.34
CA ILE A 56 1.63 10.60 13.81
C ILE A 56 2.42 11.69 14.49
N LEU A 57 3.56 11.32 15.06
CA LEU A 57 4.45 12.27 15.69
C LEU A 57 5.57 12.63 14.70
N ASP A 58 5.63 13.92 14.36
CA ASP A 58 6.64 14.47 13.47
C ASP A 58 7.70 15.13 14.35
N THR A 59 8.89 14.51 14.43
CA THR A 59 9.97 14.90 15.34
C THR A 59 10.98 15.88 14.75
N ALA A 60 11.86 16.40 15.61
CA ALA A 60 12.93 17.31 15.26
C ALA A 60 14.12 16.52 14.73
N GLY A 61 14.71 16.99 13.64
CA GLY A 61 15.92 16.38 13.11
C GLY A 61 17.15 16.98 13.76
N GLN A 62 16.99 18.22 14.31
CA GLN A 62 18.06 19.00 14.94
C GLN A 62 18.78 18.21 16.02
N GLU A 63 20.08 17.97 15.79
CA GLU A 63 20.97 17.19 16.65
C GLU A 63 21.00 17.70 18.10
N GLU A 64 21.41 16.82 19.02
CA GLU A 64 21.47 17.00 20.46
C GLU A 64 20.06 16.84 21.03
N TYR A 65 19.57 15.60 20.93
CA TYR A 65 18.28 15.18 21.48
C TYR A 65 18.41 13.84 22.18
N SER A 66 18.49 13.95 23.50
CA SER A 66 18.47 12.92 24.53
C SER A 66 17.32 13.39 25.42
N ALA A 67 16.61 14.45 24.91
CA ALA A 67 15.49 15.19 25.49
C ALA A 67 14.23 14.85 24.73
N MET A 68 13.16 14.43 25.48
CA MET A 68 11.82 14.03 24.99
C MET A 68 11.84 12.80 24.03
N ARG A 69 13.01 12.50 23.43
CA ARG A 69 13.26 11.41 22.47
C ARG A 69 13.00 10.01 23.04
N ASP A 70 13.53 9.69 24.25
CA ASP A 70 13.32 8.37 24.86
C ASP A 70 11.85 8.09 25.15
N GLN A 71 11.09 9.12 25.57
CA GLN A 71 9.66 8.95 25.85
C GLN A 71 8.84 8.63 24.59
N TYR A 72 9.09 9.36 23.47
CA TYR A 72 8.30 9.05 22.27
C TYR A 72 8.75 7.74 21.62
N MET A 73 10.03 7.34 21.82
CA MET A 73 10.52 6.06 21.31
C MET A 73 9.94 4.89 22.12
N ARG A 74 9.56 5.16 23.38
CA ARG A 74 8.92 4.17 24.26
C ARG A 74 7.43 4.07 23.91
N THR A 75 6.74 5.21 23.72
CA THR A 75 5.30 5.33 23.43
C THR A 75 4.92 4.94 21.99
N GLY A 76 5.77 5.28 21.03
CA GLY A 76 5.54 4.97 19.63
C GLY A 76 5.44 3.48 19.35
N GLU A 77 4.47 3.07 18.53
CA GLU A 77 4.27 1.66 18.16
C GLU A 77 5.09 1.27 16.94
N GLY A 78 5.28 2.22 16.03
CA GLY A 78 6.03 2.03 14.80
C GLY A 78 6.80 3.27 14.41
N PHE A 79 7.90 3.08 13.67
CA PHE A 79 8.81 4.15 13.31
C PHE A 79 9.14 4.20 11.83
N LEU A 80 9.04 5.40 11.24
CA LEU A 80 9.50 5.65 9.88
C LEU A 80 10.89 6.26 10.05
N CYS A 81 11.94 5.53 9.66
CA CYS A 81 13.32 6.02 9.76
C CYS A 81 13.71 6.60 8.42
N VAL A 82 13.67 7.93 8.34
CA VAL A 82 13.84 8.69 7.09
C VAL A 82 15.23 9.23 6.87
N PHE A 83 15.73 9.05 5.65
CA PHE A 83 16.98 9.65 5.16
C PHE A 83 16.63 10.25 3.80
N ALA A 84 17.46 11.17 3.30
CA ALA A 84 17.25 11.76 1.99
C ALA A 84 18.28 11.09 1.07
N ILE A 85 17.85 10.64 -0.12
CA ILE A 85 18.71 9.92 -1.08
C ILE A 85 19.88 10.76 -1.60
N ASN A 86 19.81 12.10 -1.45
CA ASN A 86 20.87 13.02 -1.86
C ASN A 86 21.70 13.51 -0.65
N ASN A 87 21.56 12.83 0.50
CA ASN A 87 22.27 13.20 1.74
C ASN A 87 22.84 11.93 2.38
N THR A 88 24.13 11.65 2.10
CA THR A 88 24.85 10.48 2.62
C THR A 88 24.90 10.47 4.15
N LYS A 89 25.11 11.65 4.77
CA LYS A 89 25.17 11.78 6.23
C LYS A 89 23.85 11.34 6.89
N SER A 90 22.71 11.69 6.27
CA SER A 90 21.38 11.29 6.77
C SER A 90 21.20 9.77 6.72
N PHE A 91 21.82 9.11 5.72
CA PHE A 91 21.76 7.65 5.58
C PHE A 91 22.64 6.99 6.65
N GLU A 92 23.84 7.56 6.90
CA GLU A 92 24.77 7.10 7.94
C GLU A 92 24.13 7.26 9.33
N ASP A 93 23.26 8.29 9.51
CA ASP A 93 22.56 8.56 10.77
C ASP A 93 21.49 7.52 11.13
N ILE A 94 20.98 6.75 10.14
CA ILE A 94 19.95 5.70 10.31
C ILE A 94 20.36 4.70 11.40
N HIS A 95 21.63 4.27 11.40
CA HIS A 95 22.19 3.33 12.40
C HIS A 95 21.89 3.84 13.82
N HIS A 96 22.13 5.13 14.08
CA HIS A 96 21.88 5.76 15.38
C HIS A 96 20.41 5.72 15.77
N TYR A 97 19.49 6.04 14.83
CA TYR A 97 18.05 6.00 15.14
C TYR A 97 17.60 4.59 15.44
N ARG A 98 17.97 3.61 14.58
CA ARG A 98 17.65 2.20 14.73
C ARG A 98 18.12 1.66 16.08
N GLU A 99 19.39 1.90 16.43
CA GLU A 99 19.98 1.43 17.68
C GLU A 99 19.31 2.02 18.91
N GLN A 100 19.01 3.34 18.88
CA GLN A 100 18.36 4.02 20.02
C GLN A 100 16.93 3.54 20.22
N ILE A 101 16.18 3.31 19.13
CA ILE A 101 14.80 2.79 19.19
C ILE A 101 14.82 1.39 19.84
N LYS A 102 15.72 0.50 19.37
CA LYS A 102 15.90 -0.85 19.91
C LYS A 102 16.29 -0.82 21.39
N ARG A 103 17.18 0.11 21.79
CA ARG A 103 17.64 0.26 23.18
C ARG A 103 16.51 0.70 24.11
N VAL A 104 15.75 1.74 23.70
CA VAL A 104 14.63 2.29 24.48
C VAL A 104 13.50 1.27 24.60
N LYS A 105 13.19 0.57 23.51
CA LYS A 105 12.14 -0.46 23.46
C LYS A 105 12.57 -1.77 24.12
N ASP A 106 13.89 -1.98 24.31
CA ASP A 106 14.50 -3.19 24.89
C ASP A 106 14.09 -4.44 24.09
N SER A 107 14.12 -4.31 22.74
CA SER A 107 13.72 -5.36 21.81
C SER A 107 14.42 -5.18 20.46
N GLU A 108 14.70 -6.31 19.81
CA GLU A 108 15.30 -6.34 18.48
C GLU A 108 14.19 -6.37 17.41
N ASP A 109 12.94 -6.62 17.85
CA ASP A 109 11.75 -6.69 17.00
C ASP A 109 10.85 -5.47 17.20
N VAL A 110 11.16 -4.37 16.50
CA VAL A 110 10.40 -3.12 16.59
C VAL A 110 9.81 -2.78 15.21
N PRO A 111 8.47 -2.56 15.08
CA PRO A 111 7.92 -2.18 13.77
C PRO A 111 8.59 -0.93 13.23
N MET A 112 9.18 -1.08 12.03
CA MET A 112 9.99 -0.04 11.43
C MET A 112 10.02 -0.15 9.92
N VAL A 113 10.11 1.00 9.25
CA VAL A 113 10.24 1.08 7.80
C VAL A 113 11.38 2.04 7.50
N LEU A 114 12.31 1.64 6.64
CA LEU A 114 13.40 2.50 6.20
C LEU A 114 12.85 3.30 5.02
N VAL A 115 12.93 4.63 5.09
CA VAL A 115 12.40 5.53 4.07
C VAL A 115 13.51 6.35 3.42
N GLY A 116 13.65 6.20 2.11
CA GLY A 116 14.60 6.96 1.30
C GLY A 116 13.83 8.05 0.59
N ASN A 117 13.76 9.23 1.18
CA ASN A 117 12.97 10.35 0.64
C ASN A 117 13.74 11.17 -0.40
N LYS A 118 13.01 12.02 -1.15
CA LYS A 118 13.48 12.93 -2.22
C LYS A 118 13.86 12.16 -3.49
N CYS A 119 13.13 11.07 -3.80
CA CYS A 119 13.39 10.23 -4.99
C CYS A 119 13.02 10.94 -6.33
N ASP A 120 12.41 12.15 -6.26
CA ASP A 120 12.06 12.96 -7.43
C ASP A 120 13.32 13.71 -7.95
N LEU A 121 14.35 13.83 -7.10
CA LEU A 121 15.59 14.53 -7.42
C LEU A 121 16.62 13.68 -8.17
N PRO A 122 17.27 14.25 -9.22
CA PRO A 122 18.29 13.49 -9.96
C PRO A 122 19.70 13.60 -9.35
N SER A 123 19.76 14.10 -8.10
CA SER A 123 21.00 14.35 -7.36
C SER A 123 21.33 13.28 -6.30
N ARG A 124 20.87 12.04 -6.51
CA ARG A 124 21.10 10.89 -5.62
C ARG A 124 22.60 10.67 -5.29
N THR A 125 22.91 10.41 -4.00
CA THR A 125 24.24 10.10 -3.49
C THR A 125 24.22 8.72 -2.80
N VAL A 126 23.01 8.24 -2.45
CA VAL A 126 22.79 6.95 -1.80
C VAL A 126 22.05 6.02 -2.78
N ASP A 127 22.72 4.93 -3.20
CA ASP A 127 22.14 3.95 -4.12
C ASP A 127 21.01 3.16 -3.48
N THR A 128 19.98 2.83 -4.27
CA THR A 128 18.83 2.04 -3.83
C THR A 128 19.31 0.69 -3.25
N LYS A 129 20.31 0.05 -3.91
CA LYS A 129 20.88 -1.25 -3.51
C LYS A 129 21.49 -1.22 -2.12
N GLN A 130 22.27 -0.17 -1.79
CA GLN A 130 22.91 0.00 -0.48
C GLN A 130 21.84 0.12 0.63
N ALA A 131 20.76 0.88 0.37
CA ALA A 131 19.66 1.07 1.31
C ALA A 131 18.83 -0.22 1.44
N GLN A 132 18.65 -0.95 0.31
CA GLN A 132 17.93 -2.24 0.29
C GLN A 132 18.69 -3.28 1.13
N ASP A 133 20.04 -3.29 1.02
CA ASP A 133 20.91 -4.18 1.76
C ASP A 133 20.86 -3.88 3.26
N LEU A 134 20.83 -2.58 3.63
CA LEU A 134 20.73 -2.15 5.03
C LEU A 134 19.39 -2.60 5.64
N ALA A 135 18.28 -2.37 4.93
CA ALA A 135 16.94 -2.77 5.38
C ALA A 135 16.83 -4.30 5.53
N ARG A 136 17.45 -5.04 4.59
CA ARG A 136 17.50 -6.50 4.62
C ARG A 136 18.23 -7.01 5.87
N SER A 137 19.37 -6.36 6.24
CA SER A 137 20.15 -6.70 7.44
C SER A 137 19.37 -6.40 8.74
N TYR A 138 18.44 -5.43 8.69
CA TYR A 138 17.58 -5.07 9.82
C TYR A 138 16.30 -5.92 9.87
N GLY A 139 15.96 -6.55 8.75
CA GLY A 139 14.74 -7.35 8.61
C GLY A 139 13.52 -6.47 8.53
N ILE A 140 13.66 -5.30 7.88
CA ILE A 140 12.58 -4.30 7.76
C ILE A 140 12.34 -3.91 6.29
N PRO A 141 11.14 -3.41 5.91
CA PRO A 141 10.93 -2.98 4.53
C PRO A 141 11.65 -1.67 4.23
N PHE A 142 11.97 -1.45 2.95
CA PHE A 142 12.59 -0.23 2.46
C PHE A 142 11.70 0.34 1.36
N ILE A 143 11.34 1.61 1.49
CA ILE A 143 10.49 2.30 0.51
C ILE A 143 11.12 3.63 0.12
N GLU A 144 11.25 3.87 -1.19
CA GLU A 144 11.72 5.16 -1.72
C GLU A 144 10.49 6.06 -1.85
N THR A 145 10.61 7.31 -1.37
CA THR A 145 9.47 8.24 -1.38
C THR A 145 9.84 9.60 -1.94
N SER A 146 8.80 10.39 -2.28
CA SER A 146 8.93 11.78 -2.67
C SER A 146 7.75 12.52 -2.08
N ALA A 147 8.01 13.45 -1.15
CA ALA A 147 6.94 14.26 -0.58
C ALA A 147 6.46 15.29 -1.61
N LYS A 148 7.28 15.57 -2.64
CA LYS A 148 6.94 16.50 -3.72
C LYS A 148 5.85 15.91 -4.64
N THR A 149 6.08 14.69 -5.17
CA THR A 149 5.13 14.04 -6.09
C THR A 149 4.10 13.15 -5.37
N ARG A 150 4.38 12.79 -4.09
CA ARG A 150 3.58 11.88 -3.24
C ARG A 150 3.88 10.40 -3.55
N GLN A 151 4.89 10.13 -4.41
CA GLN A 151 5.34 8.76 -4.70
C GLN A 151 5.76 8.07 -3.40
N GLY A 152 5.24 6.86 -3.18
CA GLY A 152 5.58 6.03 -2.02
C GLY A 152 5.14 6.47 -0.65
N VAL A 153 4.56 7.70 -0.51
CA VAL A 153 4.13 8.26 0.78
C VAL A 153 3.10 7.35 1.49
N ASP A 154 1.98 7.04 0.83
CA ASP A 154 0.96 6.16 1.39
C ASP A 154 1.54 4.77 1.63
N ASP A 155 2.38 4.27 0.70
CA ASP A 155 3.04 2.97 0.83
C ASP A 155 3.89 2.90 2.12
N ALA A 156 4.70 3.95 2.42
CA ALA A 156 5.53 3.98 3.63
C ALA A 156 4.69 3.93 4.92
N PHE A 157 3.65 4.78 5.03
CA PHE A 157 2.78 4.80 6.22
C PHE A 157 1.95 3.53 6.37
N TYR A 158 1.33 3.04 5.26
CA TYR A 158 0.51 1.82 5.27
C TYR A 158 1.33 0.59 5.60
N THR A 159 2.57 0.49 5.04
CA THR A 159 3.48 -0.62 5.32
C THR A 159 3.80 -0.65 6.82
N LEU A 160 4.07 0.53 7.42
CA LEU A 160 4.35 0.63 8.85
C LEU A 160 3.18 0.13 9.70
N VAL A 161 1.94 0.49 9.32
CA VAL A 161 0.73 0.01 10.01
C VAL A 161 0.64 -1.52 9.91
N ARG A 162 0.94 -2.08 8.71
CA ARG A 162 0.93 -3.53 8.49
C ARG A 162 1.99 -4.21 9.37
N GLU A 163 3.16 -3.56 9.57
CA GLU A 163 4.23 -4.06 10.43
C GLU A 163 3.79 -4.07 11.90
N ILE A 164 3.07 -3.03 12.34
CA ILE A 164 2.56 -2.92 13.72
C ILE A 164 1.51 -4.02 13.95
N ARG A 165 0.59 -4.19 12.98
CA ARG A 165 -0.49 -5.19 12.97
C ARG A 165 0.10 -6.61 13.16
N LYS A 166 1.19 -6.93 12.44
CA LYS A 166 1.90 -8.23 12.51
C LYS A 166 2.51 -8.47 13.89
N HIS A 167 3.14 -7.41 14.45
CA HIS A 167 3.80 -7.44 15.75
C HIS A 167 2.82 -7.75 16.87
N LYS A 168 1.64 -7.15 16.80
CA LYS A 168 0.60 -7.36 17.78
C LYS A 168 0.01 -8.76 17.66
N GLU A 169 0.13 -9.36 16.48
CA GLU A 169 -0.42 -10.68 16.22
C GLU A 169 0.65 -11.75 15.98
N MET B 2 11.65 -10.86 -10.37
CA MET B 2 10.95 -10.07 -11.37
C MET B 2 9.68 -10.78 -11.85
N THR B 3 8.53 -10.12 -11.73
CA THR B 3 7.24 -10.68 -12.15
C THR B 3 6.45 -9.64 -12.92
N GLU B 4 5.84 -10.05 -14.04
CA GLU B 4 4.99 -9.17 -14.85
C GLU B 4 3.55 -9.32 -14.38
N TYR B 5 2.80 -8.20 -14.31
CA TYR B 5 1.39 -8.19 -13.93
C TYR B 5 0.61 -7.42 -14.97
N LYS B 6 -0.39 -8.08 -15.60
CA LYS B 6 -1.24 -7.44 -16.61
C LYS B 6 -2.47 -6.88 -15.91
N LEU B 7 -2.54 -5.53 -15.82
CA LEU B 7 -3.62 -4.84 -15.13
C LEU B 7 -4.48 -4.11 -16.14
N VAL B 8 -5.80 -4.10 -15.92
CA VAL B 8 -6.73 -3.45 -16.83
C VAL B 8 -7.53 -2.40 -16.05
N VAL B 9 -7.55 -1.16 -16.54
CA VAL B 9 -8.30 -0.07 -15.91
C VAL B 9 -9.55 0.12 -16.75
N VAL B 10 -10.72 -0.15 -16.15
CA VAL B 10 -12.02 -0.05 -16.82
C VAL B 10 -12.93 0.97 -16.10
N GLY B 11 -13.93 1.45 -16.81
CA GLY B 11 -14.88 2.42 -16.25
C GLY B 11 -15.48 3.33 -17.29
N ALA B 12 -16.58 3.99 -16.91
CA ALA B 12 -17.35 4.89 -17.76
C ALA B 12 -16.55 6.10 -18.27
N ASP B 13 -17.12 6.81 -19.25
CA ASP B 13 -16.57 8.03 -19.84
C ASP B 13 -16.21 9.07 -18.78
N GLY B 14 -14.99 9.58 -18.85
CA GLY B 14 -14.48 10.66 -18.02
C GLY B 14 -14.28 10.43 -16.53
N VAL B 15 -14.24 9.17 -16.08
CA VAL B 15 -14.05 8.87 -14.65
C VAL B 15 -12.61 9.15 -14.17
N GLY B 16 -11.67 9.24 -15.11
CA GLY B 16 -10.26 9.50 -14.82
C GLY B 16 -9.35 8.31 -14.92
N LYS B 17 -9.68 7.35 -15.79
CA LYS B 17 -8.86 6.14 -16.00
C LYS B 17 -7.45 6.50 -16.48
N SER B 18 -7.34 7.38 -17.49
CA SER B 18 -6.05 7.80 -18.05
C SER B 18 -5.26 8.62 -17.04
N ALA B 19 -5.93 9.57 -16.37
CA ALA B 19 -5.28 10.43 -15.38
C ALA B 19 -4.70 9.61 -14.22
N LEU B 20 -5.40 8.54 -13.77
CA LEU B 20 -4.91 7.66 -12.71
C LEU B 20 -3.64 6.94 -13.13
N THR B 21 -3.64 6.39 -14.36
CA THR B 21 -2.51 5.66 -14.93
C THR B 21 -1.30 6.59 -15.14
N ILE B 22 -1.53 7.78 -15.75
CA ILE B 22 -0.46 8.76 -16.03
C ILE B 22 0.16 9.27 -14.72
N GLN B 23 -0.64 9.41 -13.66
CA GLN B 23 -0.13 9.79 -12.34
C GLN B 23 0.85 8.70 -11.84
N LEU B 24 0.46 7.42 -11.96
CA LEU B 24 1.33 6.30 -11.56
C LEU B 24 2.61 6.20 -12.42
N ILE B 25 2.48 6.29 -13.75
CA ILE B 25 3.59 6.11 -14.67
C ILE B 25 4.50 7.36 -14.77
N GLN B 26 3.91 8.56 -14.78
CA GLN B 26 4.68 9.78 -15.03
C GLN B 26 4.70 10.82 -13.90
N ASN B 27 3.99 10.56 -12.80
CA ASN B 27 4.01 11.44 -11.62
C ASN B 27 3.53 12.88 -11.90
N HIS B 28 2.48 13.03 -12.72
CA HIS B 28 1.87 14.33 -13.00
C HIS B 28 0.39 14.19 -13.33
N PHE B 29 -0.39 15.25 -13.07
CA PHE B 29 -1.82 15.26 -13.32
C PHE B 29 -2.15 15.86 -14.68
N VAL B 30 -2.95 15.13 -15.47
CA VAL B 30 -3.40 15.60 -16.78
C VAL B 30 -4.75 16.30 -16.62
N ASP B 31 -4.75 17.63 -16.82
CA ASP B 31 -5.94 18.47 -16.69
C ASP B 31 -6.86 18.32 -17.89
N GLU B 32 -6.28 18.07 -19.07
CA GLU B 32 -7.04 17.95 -20.32
C GLU B 32 -7.80 16.63 -20.42
N TYR B 33 -8.93 16.68 -21.12
CA TYR B 33 -9.80 15.54 -21.37
C TYR B 33 -9.60 15.12 -22.84
N ASP B 34 -8.87 14.01 -23.04
CA ASP B 34 -8.56 13.42 -24.35
C ASP B 34 -9.05 11.97 -24.36
N PRO B 35 -10.20 11.67 -25.00
CA PRO B 35 -10.74 10.30 -24.96
C PRO B 35 -9.81 9.23 -25.48
N THR B 36 -9.70 8.13 -24.72
CA THR B 36 -8.82 7.01 -25.05
C THR B 36 -9.50 6.06 -26.01
N ILE B 37 -8.71 5.50 -26.94
CA ILE B 37 -9.14 4.41 -27.82
C ILE B 37 -8.64 3.19 -27.04
N GLU B 38 -7.31 3.05 -26.93
CA GLU B 38 -6.65 2.01 -26.13
C GLU B 38 -5.16 2.28 -26.05
N ASP B 39 -4.63 2.32 -24.84
CA ASP B 39 -3.21 2.56 -24.61
C ASP B 39 -2.70 1.63 -23.54
N SER B 40 -1.42 1.25 -23.61
CA SER B 40 -0.81 0.41 -22.58
C SER B 40 0.51 1.02 -22.13
N TYR B 41 0.87 0.78 -20.87
CA TYR B 41 2.05 1.36 -20.26
C TYR B 41 2.75 0.35 -19.40
N ARG B 42 4.09 0.37 -19.40
CA ARG B 42 4.88 -0.44 -18.51
C ARG B 42 5.46 0.41 -17.41
N LYS B 43 5.53 -0.15 -16.20
CA LYS B 43 6.11 0.52 -15.05
C LYS B 43 6.70 -0.50 -14.10
N GLN B 44 7.99 -0.36 -13.80
CA GLN B 44 8.68 -1.23 -12.89
C GLN B 44 8.56 -0.60 -11.49
N VAL B 45 7.97 -1.33 -10.56
CA VAL B 45 7.75 -0.87 -9.17
C VAL B 45 8.09 -2.00 -8.18
N VAL B 46 8.47 -1.63 -6.96
CA VAL B 46 8.77 -2.58 -5.91
C VAL B 46 7.55 -2.61 -4.99
N ILE B 47 6.87 -3.76 -4.90
CA ILE B 47 5.67 -3.95 -4.06
C ILE B 47 5.96 -5.05 -3.06
N ASP B 48 5.94 -4.71 -1.76
CA ASP B 48 6.25 -5.63 -0.64
C ASP B 48 7.58 -6.37 -0.86
N GLY B 49 8.60 -5.61 -1.29
CA GLY B 49 9.95 -6.12 -1.54
C GLY B 49 10.15 -6.84 -2.86
N GLU B 50 9.07 -7.06 -3.64
CA GLU B 50 9.13 -7.76 -4.92
C GLU B 50 9.17 -6.79 -6.09
N THR B 51 10.09 -7.02 -7.04
CA THR B 51 10.17 -6.21 -8.25
C THR B 51 9.05 -6.65 -9.20
N CYS B 52 8.13 -5.73 -9.49
CA CYS B 52 6.97 -5.96 -10.35
C CYS B 52 7.06 -5.12 -11.63
N LEU B 53 6.87 -5.75 -12.79
CA LEU B 53 6.78 -5.02 -14.03
C LEU B 53 5.29 -4.96 -14.37
N LEU B 54 4.68 -3.81 -14.12
CA LEU B 54 3.24 -3.65 -14.39
C LEU B 54 3.04 -3.33 -15.86
N ASP B 55 2.10 -4.04 -16.49
CA ASP B 55 1.71 -3.84 -17.88
C ASP B 55 0.25 -3.43 -17.78
N ILE B 56 0.02 -2.12 -17.83
CA ILE B 56 -1.29 -1.52 -17.57
C ILE B 56 -2.00 -1.13 -18.84
N LEU B 57 -3.21 -1.67 -19.01
CA LEU B 57 -4.04 -1.35 -20.15
C LEU B 57 -5.06 -0.30 -19.74
N ASP B 58 -4.98 0.85 -20.38
CA ASP B 58 -5.86 1.99 -20.19
C ASP B 58 -6.93 1.93 -21.30
N THR B 59 -8.16 1.56 -20.93
CA THR B 59 -9.25 1.30 -21.89
C THR B 59 -10.12 2.51 -22.18
N ALA B 60 -10.99 2.37 -23.19
CA ALA B 60 -11.95 3.39 -23.60
C ALA B 60 -13.17 3.33 -22.70
N GLY B 61 -13.67 4.49 -22.30
CA GLY B 61 -14.91 4.58 -21.56
C GLY B 61 -16.10 4.54 -22.50
N GLN B 62 -15.85 4.89 -23.79
CA GLN B 62 -16.84 4.89 -24.88
C GLN B 62 -17.08 3.48 -25.40
N GLU B 63 -18.34 3.12 -25.66
CA GLU B 63 -18.73 1.82 -26.22
C GLU B 63 -18.07 1.59 -27.60
N GLU B 64 -18.00 2.65 -28.43
CA GLU B 64 -17.46 2.68 -29.79
C GLU B 64 -16.06 2.03 -29.96
N TYR B 65 -15.21 2.04 -28.90
CA TYR B 65 -13.85 1.45 -28.96
C TYR B 65 -13.67 0.23 -28.04
N SER B 66 -14.66 -0.68 -28.02
CA SER B 66 -14.62 -1.90 -27.19
C SER B 66 -14.55 -3.22 -28.01
N ALA B 67 -13.93 -3.19 -29.21
CA ALA B 67 -13.78 -4.37 -30.06
C ALA B 67 -12.82 -5.39 -29.44
N MET B 68 -11.87 -4.91 -28.61
CA MET B 68 -10.87 -5.75 -27.94
C MET B 68 -11.31 -6.13 -26.51
N ARG B 69 -12.50 -5.65 -26.06
CA ARG B 69 -13.02 -5.84 -24.69
C ARG B 69 -12.98 -7.27 -24.16
N ASP B 70 -13.64 -8.26 -24.82
CA ASP B 70 -13.60 -9.65 -24.35
C ASP B 70 -12.17 -10.20 -24.31
N GLN B 71 -11.33 -9.83 -25.29
CA GLN B 71 -9.94 -10.29 -25.33
C GLN B 71 -9.10 -9.70 -24.20
N TYR B 72 -9.23 -8.40 -23.91
CA TYR B 72 -8.43 -7.86 -22.80
C TYR B 72 -8.98 -8.31 -21.44
N MET B 73 -10.30 -8.62 -21.36
CA MET B 73 -10.87 -9.13 -20.10
C MET B 73 -10.38 -10.56 -19.86
N ARG B 74 -10.12 -11.35 -20.93
CA ARG B 74 -9.59 -12.71 -20.77
C ARG B 74 -8.07 -12.67 -20.47
N THR B 75 -7.31 -11.78 -21.14
CA THR B 75 -5.85 -11.62 -20.97
C THR B 75 -5.46 -10.94 -19.64
N GLY B 76 -6.22 -9.94 -19.22
CA GLY B 76 -5.96 -9.20 -17.99
C GLY B 76 -6.00 -10.08 -16.75
N GLU B 77 -5.03 -9.90 -15.85
CA GLU B 77 -4.93 -10.67 -14.60
C GLU B 77 -5.71 -10.02 -13.47
N GLY B 78 -5.78 -8.69 -13.50
CA GLY B 78 -6.47 -7.91 -12.48
C GLY B 78 -7.13 -6.68 -13.09
N PHE B 79 -8.21 -6.21 -12.44
CA PHE B 79 -9.00 -5.11 -12.94
C PHE B 79 -9.24 -4.01 -11.92
N LEU B 80 -9.00 -2.75 -12.33
CA LEU B 80 -9.36 -1.58 -11.53
C LEU B 80 -10.68 -1.12 -12.12
N CYS B 81 -11.78 -1.26 -11.38
CA CYS B 81 -13.11 -0.84 -11.84
C CYS B 81 -13.39 0.54 -11.28
N VAL B 82 -13.20 1.55 -12.14
CA VAL B 82 -13.23 2.97 -11.77
C VAL B 82 -14.57 3.66 -12.04
N PHE B 83 -15.01 4.42 -11.04
CA PHE B 83 -16.17 5.32 -11.16
C PHE B 83 -15.68 6.66 -10.58
N ALA B 84 -16.39 7.76 -10.87
CA ALA B 84 -16.07 9.06 -10.32
C ALA B 84 -17.10 9.31 -9.22
N ILE B 85 -16.64 9.77 -8.03
CA ILE B 85 -17.50 10.00 -6.85
C ILE B 85 -18.56 11.10 -7.09
N ASN B 86 -18.38 11.94 -8.13
CA ASN B 86 -19.33 13.00 -8.48
C ASN B 86 -20.18 12.60 -9.71
N ASN B 87 -20.18 11.30 -10.07
CA ASN B 87 -20.92 10.79 -11.23
C ASN B 87 -21.65 9.50 -10.82
N THR B 88 -22.94 9.63 -10.45
CA THR B 88 -23.78 8.51 -10.02
C THR B 88 -23.94 7.45 -11.13
N LYS B 89 -24.06 7.89 -12.41
CA LYS B 89 -24.19 6.99 -13.57
C LYS B 89 -22.96 6.08 -13.70
N SER B 90 -21.75 6.64 -13.48
CA SER B 90 -20.50 5.87 -13.53
C SER B 90 -20.45 4.79 -12.44
N PHE B 91 -21.08 5.07 -11.27
CA PHE B 91 -21.15 4.11 -10.16
C PHE B 91 -22.13 2.98 -10.52
N GLU B 92 -23.29 3.34 -11.12
CA GLU B 92 -24.30 2.39 -11.59
C GLU B 92 -23.73 1.49 -12.71
N ASP B 93 -22.78 2.02 -13.52
CA ASP B 93 -22.12 1.28 -14.62
C ASP B 93 -21.16 0.16 -14.15
N ILE B 94 -20.70 0.24 -12.88
CA ILE B 94 -19.78 -0.74 -12.27
C ILE B 94 -20.33 -2.18 -12.39
N HIS B 95 -21.64 -2.36 -12.14
CA HIS B 95 -22.32 -3.66 -12.24
C HIS B 95 -22.03 -4.31 -13.61
N HIS B 96 -22.13 -3.53 -14.71
CA HIS B 96 -21.87 -4.00 -16.07
C HIS B 96 -20.44 -4.45 -16.26
N TYR B 97 -19.45 -3.68 -15.76
CA TYR B 97 -18.04 -4.07 -15.89
C TYR B 97 -17.74 -5.34 -15.10
N ARG B 98 -18.19 -5.41 -13.84
CA ARG B 98 -18.01 -6.56 -12.94
C ARG B 98 -18.60 -7.83 -13.57
N GLU B 99 -19.87 -7.76 -14.04
CA GLU B 99 -20.56 -8.91 -14.64
C GLU B 99 -19.89 -9.41 -15.90
N GLN B 100 -19.44 -8.49 -16.78
CA GLN B 100 -18.76 -8.86 -18.04
C GLN B 100 -17.40 -9.50 -17.78
N ILE B 101 -16.64 -8.99 -16.80
CA ILE B 101 -15.33 -9.55 -16.43
C ILE B 101 -15.51 -10.99 -15.92
N LYS B 102 -16.48 -11.20 -15.00
CA LYS B 102 -16.84 -12.51 -14.45
C LYS B 102 -17.27 -13.49 -15.55
N ARG B 103 -18.09 -13.01 -16.52
CA ARG B 103 -18.58 -13.82 -17.64
C ARG B 103 -17.44 -14.28 -18.56
N VAL B 104 -16.58 -13.33 -18.98
CA VAL B 104 -15.44 -13.60 -19.86
C VAL B 104 -14.42 -14.53 -19.19
N LYS B 105 -14.15 -14.31 -17.90
CA LYS B 105 -13.21 -15.12 -17.12
C LYS B 105 -13.79 -16.46 -16.67
N ASP B 106 -15.13 -16.60 -16.73
CA ASP B 106 -15.89 -17.78 -16.31
C ASP B 106 -15.57 -18.15 -14.84
N SER B 107 -15.53 -17.12 -13.99
CA SER B 107 -15.19 -17.24 -12.57
C SER B 107 -15.80 -16.11 -11.76
N GLU B 108 -16.16 -16.41 -10.50
CA GLU B 108 -16.68 -15.44 -9.55
C GLU B 108 -15.51 -14.83 -8.76
N ASP B 109 -14.32 -15.47 -8.84
CA ASP B 109 -13.10 -15.06 -8.15
C ASP B 109 -12.10 -14.44 -9.13
N VAL B 110 -12.26 -13.14 -9.41
CA VAL B 110 -11.39 -12.40 -10.32
C VAL B 110 -10.70 -11.28 -9.55
N PRO B 111 -9.33 -11.16 -9.58
CA PRO B 111 -8.67 -10.05 -8.89
C PRO B 111 -9.22 -8.70 -9.37
N MET B 112 -9.78 -7.93 -8.44
CA MET B 112 -10.47 -6.69 -8.74
C MET B 112 -10.44 -5.72 -7.57
N VAL B 113 -10.38 -4.42 -7.88
CA VAL B 113 -10.43 -3.35 -6.89
C VAL B 113 -11.45 -2.33 -7.39
N LEU B 114 -12.38 -1.93 -6.51
CA LEU B 114 -13.36 -0.90 -6.83
C LEU B 114 -12.68 0.43 -6.52
N VAL B 115 -12.64 1.33 -7.50
CA VAL B 115 -11.97 2.62 -7.37
C VAL B 115 -12.95 3.78 -7.51
N GLY B 116 -13.04 4.59 -6.46
CA GLY B 116 -13.85 5.79 -6.44
C GLY B 116 -12.93 6.98 -6.65
N ASN B 117 -12.79 7.41 -7.91
CA ASN B 117 -11.88 8.50 -8.27
C ASN B 117 -12.50 9.89 -8.12
N LYS B 118 -11.64 10.94 -8.14
CA LYS B 118 -11.97 12.37 -8.00
C LYS B 118 -12.34 12.74 -6.57
N CYS B 119 -11.69 12.07 -5.57
CA CYS B 119 -11.97 12.32 -4.14
C CYS B 119 -11.46 13.69 -3.64
N ASP B 120 -10.74 14.44 -4.50
CA ASP B 120 -10.26 15.79 -4.20
C ASP B 120 -11.39 16.82 -4.36
N LEU B 121 -12.47 16.44 -5.08
CA LEU B 121 -13.63 17.30 -5.35
C LEU B 121 -14.66 17.30 -4.23
N PRO B 122 -15.17 18.49 -3.83
CA PRO B 122 -16.21 18.53 -2.78
C PRO B 122 -17.63 18.39 -3.36
N SER B 123 -17.74 17.95 -4.63
CA SER B 123 -18.99 17.77 -5.36
C SER B 123 -19.49 16.30 -5.42
N ARG B 124 -19.12 15.49 -4.41
CA ARG B 124 -19.50 14.08 -4.26
C ARG B 124 -21.02 13.86 -4.36
N THR B 125 -21.43 12.83 -5.12
CA THR B 125 -22.82 12.40 -5.26
C THR B 125 -22.94 10.95 -4.78
N VAL B 126 -21.80 10.21 -4.75
CA VAL B 126 -21.73 8.82 -4.32
C VAL B 126 -21.01 8.76 -2.97
N ASP B 127 -21.74 8.37 -1.91
CA ASP B 127 -21.20 8.25 -0.55
C ASP B 127 -20.20 7.12 -0.44
N THR B 128 -19.15 7.31 0.39
CA THR B 128 -18.13 6.30 0.65
C THR B 128 -18.77 4.99 1.15
N LYS B 129 -19.78 5.10 2.05
CA LYS B 129 -20.49 3.95 2.63
C LYS B 129 -21.19 3.09 1.58
N GLN B 130 -21.86 3.72 0.59
CA GLN B 130 -22.58 3.03 -0.48
C GLN B 130 -21.59 2.22 -1.35
N ALA B 131 -20.43 2.82 -1.65
CA ALA B 131 -19.40 2.16 -2.45
C ALA B 131 -18.72 1.05 -1.64
N GLN B 132 -18.53 1.26 -0.31
CA GLN B 132 -17.95 0.27 0.59
C GLN B 132 -18.87 -0.95 0.68
N ASP B 133 -20.20 -0.73 0.75
CA ASP B 133 -21.22 -1.77 0.78
C ASP B 133 -21.24 -2.58 -0.53
N LEU B 134 -21.09 -1.90 -1.69
CA LEU B 134 -21.05 -2.57 -3.00
C LEU B 134 -19.80 -3.48 -3.09
N ALA B 135 -18.63 -2.95 -2.71
CA ALA B 135 -17.37 -3.71 -2.74
C ALA B 135 -17.44 -4.93 -1.79
N ARG B 136 -18.08 -4.75 -0.60
CA ARG B 136 -18.29 -5.81 0.38
C ARG B 136 -19.14 -6.94 -0.22
N SER B 137 -20.22 -6.59 -0.96
CA SER B 137 -21.11 -7.55 -1.62
C SER B 137 -20.38 -8.33 -2.74
N TYR B 138 -19.34 -7.72 -3.35
CA TYR B 138 -18.51 -8.32 -4.39
C TYR B 138 -17.34 -9.13 -3.78
N GLY B 139 -17.00 -8.85 -2.53
CA GLY B 139 -15.87 -9.48 -1.85
C GLY B 139 -14.55 -8.93 -2.37
N ILE B 140 -14.52 -7.62 -2.71
CA ILE B 140 -13.33 -6.95 -3.26
C ILE B 140 -12.98 -5.69 -2.46
N PRO B 141 -11.71 -5.21 -2.49
CA PRO B 141 -11.39 -3.97 -1.77
C PRO B 141 -11.95 -2.74 -2.47
N PHE B 142 -12.19 -1.67 -1.71
CA PHE B 142 -12.63 -0.38 -2.21
C PHE B 142 -11.62 0.69 -1.79
N ILE B 143 -11.14 1.46 -2.77
CA ILE B 143 -10.16 2.53 -2.51
C ILE B 143 -10.61 3.81 -3.20
N GLU B 144 -10.65 4.91 -2.43
CA GLU B 144 -10.97 6.24 -2.96
C GLU B 144 -9.67 6.83 -3.46
N THR B 145 -9.68 7.41 -4.67
CA THR B 145 -8.47 7.98 -5.25
C THR B 145 -8.68 9.39 -5.80
N SER B 146 -7.57 10.06 -6.06
CA SER B 146 -7.53 11.35 -6.73
C SER B 146 -6.31 11.36 -7.62
N ALA B 147 -6.52 11.44 -8.94
CA ALA B 147 -5.41 11.52 -9.89
C ALA B 147 -4.76 12.90 -9.80
N LYS B 148 -5.48 13.90 -9.26
CA LYS B 148 -4.98 15.27 -9.07
C LYS B 148 -3.92 15.33 -7.96
N THR B 149 -4.25 14.83 -6.76
CA THR B 149 -3.34 14.87 -5.60
C THR B 149 -2.48 13.62 -5.47
N ARG B 150 -2.85 12.52 -6.18
CA ARG B 150 -2.23 11.20 -6.15
C ARG B 150 -2.71 10.36 -4.92
N GLN B 151 -3.65 10.89 -4.13
CA GLN B 151 -4.22 10.16 -3.00
C GLN B 151 -4.76 8.82 -3.49
N GLY B 152 -4.39 7.76 -2.78
CA GLY B 152 -4.85 6.40 -3.05
C GLY B 152 -4.43 5.71 -4.33
N VAL B 153 -3.75 6.43 -5.28
CA VAL B 153 -3.34 5.85 -6.58
C VAL B 153 -2.47 4.59 -6.39
N ASP B 154 -1.37 4.70 -5.65
CA ASP B 154 -0.49 3.56 -5.40
C ASP B 154 -1.22 2.49 -4.62
N ASP B 155 -2.03 2.90 -3.64
CA ASP B 155 -2.84 1.96 -2.86
C ASP B 155 -3.73 1.13 -3.80
N ALA B 156 -4.41 1.77 -4.76
CA ALA B 156 -5.29 1.06 -5.72
C ALA B 156 -4.51 0.06 -6.59
N PHE B 157 -3.41 0.51 -7.22
CA PHE B 157 -2.60 -0.37 -8.07
C PHE B 157 -1.89 -1.48 -7.27
N TYR B 158 -1.30 -1.15 -6.11
CA TYR B 158 -0.59 -2.12 -5.26
C TYR B 158 -1.53 -3.16 -4.68
N THR B 159 -2.74 -2.72 -4.26
CA THR B 159 -3.77 -3.63 -3.72
C THR B 159 -4.15 -4.64 -4.80
N LEU B 160 -4.35 -4.17 -6.05
CA LEU B 160 -4.68 -5.05 -7.17
C LEU B 160 -3.59 -6.10 -7.41
N VAL B 161 -2.31 -5.70 -7.36
CA VAL B 161 -1.18 -6.63 -7.52
C VAL B 161 -1.22 -7.69 -6.39
N ARG B 162 -1.51 -7.25 -5.14
CA ARG B 162 -1.61 -8.13 -3.97
C ARG B 162 -2.78 -9.12 -4.16
N GLU B 163 -3.89 -8.68 -4.78
CA GLU B 163 -5.05 -9.52 -5.07
C GLU B 163 -4.68 -10.58 -6.10
N ILE B 164 -3.87 -10.21 -7.13
CA ILE B 164 -3.42 -11.14 -8.17
C ILE B 164 -2.53 -12.20 -7.54
N ARG B 165 -1.56 -11.74 -6.74
CA ARG B 165 -0.59 -12.56 -6.03
C ARG B 165 -1.31 -13.65 -5.18
N LYS B 166 -2.39 -13.27 -4.45
CA LYS B 166 -3.20 -14.18 -3.63
C LYS B 166 -3.92 -15.23 -4.48
N HIS B 167 -4.47 -14.80 -5.63
CA HIS B 167 -5.21 -15.65 -6.58
C HIS B 167 -4.31 -16.73 -7.16
N LYS B 168 -3.09 -16.34 -7.56
CA LYS B 168 -2.08 -17.20 -8.19
C LYS B 168 -1.63 -18.34 -7.27
N MET C 2 -5.54 -11.27 -30.80
CA MET C 2 -4.23 -10.76 -30.36
C MET C 2 -3.62 -11.75 -29.34
N THR C 3 -2.39 -12.22 -29.59
CA THR C 3 -1.70 -13.16 -28.70
C THR C 3 -0.25 -12.70 -28.51
N GLU C 4 0.21 -12.65 -27.27
CA GLU C 4 1.59 -12.29 -26.96
C GLU C 4 2.41 -13.57 -26.89
N TYR C 5 3.65 -13.53 -27.43
CA TYR C 5 4.58 -14.64 -27.39
C TYR C 5 5.90 -14.17 -26.83
N LYS C 6 6.33 -14.75 -25.71
CA LYS C 6 7.60 -14.40 -25.09
C LYS C 6 8.68 -15.30 -25.63
N LEU C 7 9.57 -14.75 -26.46
CA LEU C 7 10.67 -15.49 -27.09
C LEU C 7 11.99 -15.08 -26.48
N VAL C 8 12.91 -16.05 -26.31
CA VAL C 8 14.23 -15.78 -25.75
C VAL C 8 15.29 -16.22 -26.77
N VAL C 9 16.22 -15.32 -27.10
CA VAL C 9 17.31 -15.62 -28.03
C VAL C 9 18.55 -15.84 -27.18
N VAL C 10 19.08 -17.08 -27.20
CA VAL C 10 20.27 -17.49 -26.43
C VAL C 10 21.38 -17.97 -27.36
N GLY C 11 22.61 -17.96 -26.84
CA GLY C 11 23.78 -18.38 -27.58
C GLY C 11 25.04 -17.69 -27.14
N ALA C 12 26.18 -18.24 -27.56
CA ALA C 12 27.52 -17.75 -27.21
C ALA C 12 27.81 -16.32 -27.73
N ASP C 13 28.91 -15.72 -27.24
CA ASP C 13 29.39 -14.39 -27.64
C ASP C 13 29.56 -14.29 -29.16
N GLY C 14 28.99 -13.23 -29.74
CA GLY C 14 29.13 -12.89 -31.16
C GLY C 14 28.48 -13.76 -32.21
N VAL C 15 27.53 -14.63 -31.84
CA VAL C 15 26.85 -15.50 -32.81
C VAL C 15 25.86 -14.73 -33.72
N GLY C 16 25.44 -13.55 -33.28
CA GLY C 16 24.50 -12.72 -34.02
C GLY C 16 23.09 -12.69 -33.46
N LYS C 17 22.94 -12.88 -32.14
CA LYS C 17 21.63 -12.85 -31.47
C LYS C 17 20.92 -11.51 -31.68
N SER C 18 21.63 -10.39 -31.43
CA SER C 18 21.08 -9.03 -31.57
C SER C 18 20.79 -8.71 -33.03
N ALA C 19 21.73 -9.05 -33.94
CA ALA C 19 21.57 -8.80 -35.37
C ALA C 19 20.35 -9.52 -35.93
N LEU C 20 20.07 -10.76 -35.47
CA LEU C 20 18.90 -11.51 -35.94
C LEU C 20 17.60 -10.83 -35.52
N THR C 21 17.55 -10.37 -34.26
CA THR C 21 16.39 -9.67 -33.70
C THR C 21 16.16 -8.33 -34.41
N ILE C 22 17.23 -7.53 -34.58
CA ILE C 22 17.16 -6.21 -35.22
C ILE C 22 16.79 -6.36 -36.70
N GLN C 23 17.27 -7.43 -37.38
CA GLN C 23 16.89 -7.68 -38.77
C GLN C 23 15.37 -7.93 -38.86
N LEU C 24 14.79 -8.76 -37.96
CA LEU C 24 13.36 -9.07 -37.93
C LEU C 24 12.48 -7.83 -37.68
N ILE C 25 12.89 -6.95 -36.77
CA ILE C 25 12.06 -5.81 -36.42
C ILE C 25 12.34 -4.55 -37.25
N GLN C 26 13.61 -4.20 -37.44
CA GLN C 26 14.01 -2.97 -38.10
C GLN C 26 14.42 -3.10 -39.57
N ASN C 27 14.50 -4.33 -40.12
CA ASN C 27 14.92 -4.62 -41.51
C ASN C 27 16.31 -4.01 -41.78
N HIS C 28 17.15 -3.97 -40.73
CA HIS C 28 18.49 -3.40 -40.72
C HIS C 28 19.49 -4.45 -40.28
N PHE C 29 20.69 -4.45 -40.88
CA PHE C 29 21.77 -5.34 -40.48
C PHE C 29 22.76 -4.59 -39.56
N VAL C 30 22.87 -5.01 -38.28
CA VAL C 30 23.82 -4.37 -37.35
C VAL C 30 25.23 -4.78 -37.78
N ASP C 31 25.98 -3.79 -38.28
CA ASP C 31 27.32 -3.95 -38.84
C ASP C 31 28.41 -3.51 -37.85
N GLU C 32 28.07 -3.46 -36.55
CA GLU C 32 28.98 -3.10 -35.45
C GLU C 32 28.94 -4.19 -34.37
N TYR C 33 29.96 -4.25 -33.50
CA TYR C 33 30.02 -5.24 -32.44
C TYR C 33 29.91 -4.54 -31.07
N ASP C 34 28.71 -4.58 -30.50
CA ASP C 34 28.39 -4.01 -29.20
C ASP C 34 27.68 -5.08 -28.36
N PRO C 35 28.42 -5.61 -27.36
CA PRO C 35 27.86 -6.67 -26.52
C PRO C 35 26.58 -6.27 -25.78
N THR C 36 25.62 -7.19 -25.73
CA THR C 36 24.35 -6.96 -25.05
C THR C 36 24.47 -7.28 -23.56
N ILE C 37 23.74 -6.54 -22.71
CA ILE C 37 23.62 -6.86 -21.29
C ILE C 37 22.30 -7.63 -21.26
N GLU C 38 21.19 -6.94 -21.59
CA GLU C 38 19.85 -7.52 -21.75
C GLU C 38 18.92 -6.48 -22.34
N ASP C 39 18.27 -6.83 -23.45
CA ASP C 39 17.34 -5.95 -24.13
C ASP C 39 16.12 -6.73 -24.56
N SER C 40 14.97 -6.06 -24.66
CA SER C 40 13.77 -6.71 -25.14
C SER C 40 13.13 -5.85 -26.21
N TYR C 41 12.48 -6.51 -27.17
CA TYR C 41 11.87 -5.84 -28.31
C TYR C 41 10.49 -6.39 -28.58
N ARG C 42 9.58 -5.54 -29.06
CA ARG C 42 8.24 -5.96 -29.44
C ARG C 42 8.09 -5.82 -30.93
N LYS C 43 7.33 -6.75 -31.53
CA LYS C 43 6.98 -6.71 -32.93
C LYS C 43 5.64 -7.35 -33.15
N GLN C 44 4.71 -6.59 -33.72
CA GLN C 44 3.37 -7.07 -34.04
C GLN C 44 3.41 -7.59 -35.47
N VAL C 45 3.13 -8.87 -35.64
CA VAL C 45 3.16 -9.56 -36.94
C VAL C 45 2.01 -10.53 -37.05
N VAL C 46 1.48 -10.74 -38.26
CA VAL C 46 0.42 -11.72 -38.50
C VAL C 46 1.08 -13.03 -38.95
N ILE C 47 0.92 -14.09 -38.15
CA ILE C 47 1.49 -15.42 -38.43
C ILE C 47 0.32 -16.39 -38.49
N ASP C 48 0.11 -16.99 -39.67
CA ASP C 48 -0.98 -17.95 -39.95
C ASP C 48 -2.36 -17.39 -39.52
N GLY C 49 -2.59 -16.12 -39.87
CA GLY C 49 -3.83 -15.40 -39.59
C GLY C 49 -3.97 -14.82 -38.19
N GLU C 50 -3.06 -15.19 -37.30
CA GLU C 50 -3.10 -14.71 -35.92
C GLU C 50 -2.25 -13.46 -35.73
N THR C 51 -2.82 -12.43 -35.06
CA THR C 51 -2.09 -11.19 -34.75
C THR C 51 -1.22 -11.49 -33.55
N CYS C 52 0.10 -11.63 -33.76
CA CYS C 52 1.07 -11.99 -32.74
C CYS C 52 1.85 -10.79 -32.31
N LEU C 53 1.93 -10.57 -30.99
CA LEU C 53 2.77 -9.53 -30.44
C LEU C 53 3.96 -10.27 -29.88
N LEU C 54 5.07 -10.28 -30.63
CA LEU C 54 6.28 -10.96 -30.18
C LEU C 54 7.01 -10.07 -29.19
N ASP C 55 7.37 -10.64 -28.03
CA ASP C 55 8.12 -9.96 -26.97
C ASP C 55 9.41 -10.77 -26.89
N ILE C 56 10.44 -10.25 -27.56
CA ILE C 56 11.71 -10.94 -27.74
C ILE C 56 12.78 -10.45 -26.79
N LEU C 57 13.32 -11.38 -26.00
CA LEU C 57 14.41 -11.08 -25.09
C LEU C 57 15.73 -11.44 -25.74
N ASP C 58 16.58 -10.43 -25.86
CA ASP C 58 17.91 -10.51 -26.45
C ASP C 58 18.90 -10.61 -25.27
N THR C 59 19.49 -11.79 -25.08
CA THR C 59 20.37 -12.06 -23.94
C THR C 59 21.85 -11.80 -24.22
N ALA C 60 22.65 -11.80 -23.15
CA ALA C 60 24.10 -11.62 -23.22
C ALA C 60 24.79 -12.94 -23.58
N GLY C 61 25.90 -12.87 -24.33
CA GLY C 61 26.73 -14.03 -24.65
C GLY C 61 27.35 -14.63 -23.40
N GLN C 62 27.83 -13.77 -22.47
CA GLN C 62 28.36 -14.20 -21.17
C GLN C 62 27.53 -13.57 -20.05
N GLU C 63 26.85 -14.41 -19.25
CA GLU C 63 25.96 -13.97 -18.16
C GLU C 63 26.67 -13.64 -16.85
N GLU C 64 25.99 -12.82 -16.01
CA GLU C 64 26.48 -12.36 -14.70
C GLU C 64 25.56 -12.71 -13.54
N TYR C 65 24.22 -12.61 -13.74
CA TYR C 65 23.23 -12.91 -12.71
C TYR C 65 22.49 -14.22 -12.96
N SER C 66 22.27 -15.02 -11.90
CA SER C 66 21.64 -16.34 -11.96
C SER C 66 20.12 -16.35 -11.71
N ALA C 67 19.65 -15.60 -10.69
CA ALA C 67 18.22 -15.55 -10.33
C ALA C 67 17.36 -15.02 -11.47
N MET C 68 17.80 -13.93 -12.11
CA MET C 68 17.13 -13.28 -13.24
C MET C 68 17.28 -14.12 -14.53
N ARG C 69 18.39 -14.89 -14.65
CA ARG C 69 18.66 -15.77 -15.78
C ARG C 69 17.64 -16.91 -15.77
N ASP C 70 17.46 -17.54 -14.58
CA ASP C 70 16.48 -18.59 -14.33
C ASP C 70 15.09 -18.01 -14.48
N GLN C 71 14.93 -16.73 -14.06
CA GLN C 71 13.63 -16.07 -14.14
C GLN C 71 13.20 -15.89 -15.59
N TYR C 72 14.10 -15.49 -16.51
CA TYR C 72 13.70 -15.33 -17.91
C TYR C 72 13.49 -16.68 -18.61
N MET C 73 14.17 -17.74 -18.14
CA MET C 73 13.99 -19.09 -18.67
C MET C 73 12.64 -19.65 -18.25
N ARG C 74 12.19 -19.34 -17.00
CA ARG C 74 10.88 -19.76 -16.48
C ARG C 74 9.77 -18.99 -17.18
N THR C 75 9.97 -17.67 -17.39
CA THR C 75 9.00 -16.79 -18.02
C THR C 75 8.92 -16.99 -19.54
N GLY C 76 10.06 -17.24 -20.20
CA GLY C 76 10.13 -17.42 -21.65
C GLY C 76 9.32 -18.61 -22.12
N GLU C 77 8.59 -18.45 -23.22
CA GLU C 77 7.75 -19.52 -23.77
C GLU C 77 8.48 -20.35 -24.80
N GLY C 78 9.36 -19.72 -25.56
CA GLY C 78 10.13 -20.36 -26.62
C GLY C 78 11.53 -19.82 -26.71
N PHE C 79 12.46 -20.65 -27.21
CA PHE C 79 13.88 -20.31 -27.27
C PHE C 79 14.50 -20.50 -28.64
N LEU C 80 15.21 -19.48 -29.12
CA LEU C 80 16.00 -19.58 -30.33
C LEU C 80 17.42 -19.84 -29.82
N CYS C 81 17.95 -21.05 -30.06
CA CYS C 81 19.29 -21.43 -29.61
C CYS C 81 20.22 -21.22 -30.80
N VAL C 82 20.96 -20.11 -30.74
CA VAL C 82 21.80 -19.62 -31.83
C VAL C 82 23.27 -19.96 -31.71
N PHE C 83 23.83 -20.45 -32.82
CA PHE C 83 25.27 -20.67 -32.97
C PHE C 83 25.64 -20.02 -34.31
N ALA C 84 26.92 -19.75 -34.52
CA ALA C 84 27.40 -19.20 -35.78
C ALA C 84 28.06 -20.38 -36.52
N ILE C 85 27.75 -20.54 -37.82
CA ILE C 85 28.26 -21.66 -38.63
C ILE C 85 29.81 -21.64 -38.80
N ASN C 86 30.45 -20.50 -38.51
CA ASN C 86 31.91 -20.34 -38.58
C ASN C 86 32.55 -20.35 -37.17
N ASN C 87 31.79 -20.80 -36.16
CA ASN C 87 32.25 -20.86 -34.78
C ASN C 87 31.84 -22.20 -34.16
N THR C 88 32.78 -23.17 -34.19
CA THR C 88 32.58 -24.53 -33.66
C THR C 88 32.27 -24.52 -32.16
N LYS C 89 32.96 -23.65 -31.38
CA LYS C 89 32.73 -23.50 -29.93
C LYS C 89 31.27 -23.12 -29.63
N SER C 90 30.68 -22.19 -30.42
CA SER C 90 29.29 -21.77 -30.23
C SER C 90 28.31 -22.92 -30.49
N PHE C 91 28.66 -23.82 -31.43
CA PHE C 91 27.86 -25.01 -31.76
C PHE C 91 27.93 -26.02 -30.61
N GLU C 92 29.14 -26.21 -30.04
CA GLU C 92 29.37 -27.10 -28.89
C GLU C 92 28.64 -26.58 -27.64
N ASP C 93 28.50 -25.24 -27.52
CA ASP C 93 27.81 -24.58 -26.41
C ASP C 93 26.30 -24.83 -26.38
N ILE C 94 25.69 -25.18 -27.54
CA ILE C 94 24.23 -25.42 -27.68
C ILE C 94 23.73 -26.44 -26.64
N HIS C 95 24.48 -27.53 -26.46
CA HIS C 95 24.15 -28.58 -25.48
C HIS C 95 23.88 -28.00 -24.10
N HIS C 96 24.77 -27.12 -23.65
CA HIS C 96 24.70 -26.44 -22.36
C HIS C 96 23.47 -25.54 -22.24
N TYR C 97 23.12 -24.76 -23.29
CA TYR C 97 21.90 -23.93 -23.28
C TYR C 97 20.66 -24.80 -23.20
N ARG C 98 20.56 -25.85 -24.06
CA ARG C 98 19.43 -26.79 -24.12
C ARG C 98 19.20 -27.44 -22.75
N GLU C 99 20.27 -27.98 -22.13
CA GLU C 99 20.22 -28.63 -20.82
C GLU C 99 19.76 -27.70 -19.70
N GLN C 100 20.29 -26.47 -19.66
CA GLN C 100 19.92 -25.49 -18.64
C GLN C 100 18.45 -25.06 -18.77
N ILE C 101 17.97 -24.83 -20.02
CA ILE C 101 16.57 -24.45 -20.28
C ILE C 101 15.64 -25.56 -19.77
N LYS C 102 15.95 -26.83 -20.11
CA LYS C 102 15.17 -27.99 -19.69
C LYS C 102 15.16 -28.15 -18.16
N ARG C 103 16.32 -27.91 -17.51
CA ARG C 103 16.46 -28.00 -16.06
C ARG C 103 15.57 -26.97 -15.34
N VAL C 104 15.67 -25.69 -15.75
CA VAL C 104 14.91 -24.59 -15.16
C VAL C 104 13.40 -24.78 -15.39
N LYS C 105 13.01 -25.14 -16.63
CA LYS C 105 11.63 -25.39 -17.03
C LYS C 105 11.05 -26.68 -16.44
N ASP C 106 11.93 -27.60 -15.99
CA ASP C 106 11.58 -28.92 -15.43
C ASP C 106 10.71 -29.72 -16.43
N SER C 107 11.12 -29.69 -17.71
CA SER C 107 10.44 -30.35 -18.82
C SER C 107 11.40 -30.65 -19.95
N GLU C 108 11.18 -31.78 -20.64
CA GLU C 108 11.96 -32.20 -21.79
C GLU C 108 11.30 -31.67 -23.08
N ASP C 109 10.06 -31.17 -22.95
CA ASP C 109 9.26 -30.61 -24.05
C ASP C 109 9.17 -29.09 -23.93
N VAL C 110 10.20 -28.39 -24.43
CA VAL C 110 10.28 -26.93 -24.40
C VAL C 110 10.33 -26.40 -25.84
N PRO C 111 9.41 -25.48 -26.25
CA PRO C 111 9.47 -24.93 -27.61
C PRO C 111 10.84 -24.32 -27.89
N MET C 112 11.53 -24.86 -28.91
CA MET C 112 12.89 -24.47 -29.26
C MET C 112 13.16 -24.64 -30.74
N VAL C 113 14.04 -23.78 -31.28
CA VAL C 113 14.50 -23.82 -32.66
C VAL C 113 16.02 -23.68 -32.63
N LEU C 114 16.73 -24.59 -33.31
CA LEU C 114 18.18 -24.50 -33.43
C LEU C 114 18.47 -23.60 -34.61
N VAL C 115 19.25 -22.54 -34.38
CA VAL C 115 19.57 -21.55 -35.41
C VAL C 115 21.06 -21.52 -35.72
N GLY C 116 21.39 -21.79 -36.98
CA GLY C 116 22.75 -21.72 -37.50
C GLY C 116 22.89 -20.43 -38.26
N ASN C 117 23.37 -19.38 -37.57
CA ASN C 117 23.50 -18.04 -38.16
C ASN C 117 24.82 -17.83 -38.92
N LYS C 118 24.87 -16.74 -39.72
CA LYS C 118 25.99 -16.29 -40.57
C LYS C 118 26.18 -17.20 -41.81
N CYS C 119 25.05 -17.70 -42.38
N CYS C 119 25.07 -17.67 -42.41
CA CYS C 119 25.08 -18.58 -43.56
CA CYS C 119 25.13 -18.55 -43.57
C CYS C 119 25.49 -17.85 -44.87
C CYS C 119 25.46 -17.84 -44.88
N ASP C 120 25.65 -16.51 -44.81
CA ASP C 120 26.08 -15.68 -45.94
C ASP C 120 27.61 -15.81 -46.11
N LEU C 121 28.32 -16.28 -45.07
CA LEU C 121 29.78 -16.44 -45.05
C LEU C 121 30.25 -17.75 -45.68
N PRO C 122 31.29 -17.70 -46.55
CA PRO C 122 31.78 -18.94 -47.20
C PRO C 122 32.83 -19.72 -46.41
N SER C 123 33.21 -19.24 -45.22
CA SER C 123 34.22 -19.91 -44.40
C SER C 123 33.54 -20.62 -43.21
N ARG C 124 32.73 -21.65 -43.50
CA ARG C 124 32.02 -22.39 -42.46
C ARG C 124 32.88 -23.47 -41.82
N THR C 125 32.66 -23.70 -40.51
CA THR C 125 33.38 -24.71 -39.73
C THR C 125 32.42 -25.78 -39.20
N VAL C 126 31.11 -25.42 -39.14
CA VAL C 126 30.06 -26.32 -38.68
C VAL C 126 29.27 -26.84 -39.88
N ASP C 127 29.30 -28.17 -40.07
CA ASP C 127 28.60 -28.87 -41.14
C ASP C 127 27.09 -28.81 -40.90
N THR C 128 26.30 -28.47 -41.95
CA THR C 128 24.84 -28.38 -41.93
C THR C 128 24.23 -29.70 -41.45
N LYS C 129 24.76 -30.85 -41.95
CA LYS C 129 24.36 -32.21 -41.59
C LYS C 129 24.54 -32.48 -40.09
N GLN C 130 25.66 -32.03 -39.49
CA GLN C 130 25.95 -32.19 -38.07
C GLN C 130 24.92 -31.44 -37.22
N ALA C 131 24.53 -30.22 -37.64
CA ALA C 131 23.53 -29.41 -36.95
C ALA C 131 22.13 -30.01 -37.12
N GLN C 132 21.84 -30.56 -38.33
CA GLN C 132 20.56 -31.23 -38.63
C GLN C 132 20.40 -32.46 -37.75
N ASP C 133 21.49 -33.23 -37.57
CA ASP C 133 21.54 -34.43 -36.72
C ASP C 133 21.31 -34.08 -35.25
N LEU C 134 21.91 -32.96 -34.77
CA LEU C 134 21.74 -32.50 -33.40
C LEU C 134 20.29 -32.10 -33.14
N ALA C 135 19.68 -31.31 -34.05
CA ALA C 135 18.28 -30.87 -33.93
C ALA C 135 17.33 -32.07 -33.95
N ARG C 136 17.63 -33.08 -34.79
CA ARG C 136 16.86 -34.33 -34.91
C ARG C 136 16.87 -35.09 -33.58
N SER C 137 18.05 -35.17 -32.91
CA SER C 137 18.21 -35.84 -31.62
C SER C 137 17.44 -35.11 -30.49
N TYR C 138 17.23 -33.79 -30.65
CA TYR C 138 16.49 -32.95 -29.70
C TYR C 138 14.99 -32.94 -30.01
N GLY C 139 14.63 -33.32 -31.24
CA GLY C 139 13.25 -33.31 -31.72
C GLY C 139 12.76 -31.89 -31.97
N ILE C 140 13.69 -31.01 -32.43
CA ILE C 140 13.40 -29.59 -32.69
C ILE C 140 13.77 -29.19 -34.13
N PRO C 141 13.14 -28.13 -34.71
CA PRO C 141 13.53 -27.72 -36.06
C PRO C 141 14.91 -27.06 -36.08
N PHE C 142 15.58 -27.13 -37.24
CA PHE C 142 16.87 -26.49 -37.49
C PHE C 142 16.72 -25.58 -38.69
N ILE C 143 17.11 -24.31 -38.52
CA ILE C 143 17.04 -23.31 -39.58
C ILE C 143 18.37 -22.56 -39.70
N GLU C 144 18.92 -22.51 -40.93
CA GLU C 144 20.13 -21.74 -41.21
C GLU C 144 19.69 -20.31 -41.51
N THR C 145 20.36 -19.33 -40.91
CA THR C 145 19.97 -17.93 -41.08
C THR C 145 21.15 -17.02 -41.41
N SER C 146 20.81 -15.79 -41.82
CA SER C 146 21.74 -14.69 -42.06
C SER C 146 21.01 -13.40 -41.73
N ALA C 147 21.51 -12.68 -40.72
CA ALA C 147 20.97 -11.39 -40.32
C ALA C 147 21.42 -10.33 -41.33
N LYS C 148 22.45 -10.66 -42.15
CA LYS C 148 22.96 -9.78 -43.18
C LYS C 148 22.02 -9.71 -44.39
N THR C 149 21.66 -10.88 -44.95
CA THR C 149 20.81 -10.98 -46.15
C THR C 149 19.32 -11.14 -45.84
N ARG C 150 18.98 -11.50 -44.58
CA ARG C 150 17.63 -11.77 -44.07
C ARG C 150 17.19 -13.22 -44.36
N GLN C 151 18.10 -14.05 -44.92
CA GLN C 151 17.80 -15.46 -45.22
C GLN C 151 17.41 -16.18 -43.93
N GLY C 152 16.28 -16.90 -43.97
CA GLY C 152 15.76 -17.71 -42.86
C GLY C 152 15.32 -17.00 -41.59
N VAL C 153 15.50 -15.66 -41.52
CA VAL C 153 15.17 -14.83 -40.35
C VAL C 153 13.70 -14.97 -39.93
N ASP C 154 12.76 -14.68 -40.86
CA ASP C 154 11.33 -14.80 -40.58
C ASP C 154 10.96 -16.24 -40.30
N ASP C 155 11.57 -17.19 -41.04
CA ASP C 155 11.36 -18.63 -40.88
C ASP C 155 11.70 -19.08 -39.46
N ALA C 156 12.86 -18.65 -38.90
CA ALA C 156 13.29 -19.03 -37.54
C ALA C 156 12.32 -18.53 -36.47
N PHE C 157 11.94 -17.24 -36.51
CA PHE C 157 11.01 -16.66 -35.56
C PHE C 157 9.58 -17.20 -35.69
N TYR C 158 9.06 -17.32 -36.94
CA TYR C 158 7.69 -17.84 -37.18
C TYR C 158 7.59 -19.31 -36.79
N THR C 159 8.63 -20.11 -37.07
CA THR C 159 8.68 -21.54 -36.68
C THR C 159 8.60 -21.65 -35.15
N LEU C 160 9.37 -20.81 -34.42
CA LEU C 160 9.34 -20.80 -32.96
C LEU C 160 7.95 -20.47 -32.42
N VAL C 161 7.26 -19.48 -33.03
CA VAL C 161 5.88 -19.13 -32.65
C VAL C 161 4.96 -20.34 -32.85
N ARG C 162 5.11 -21.05 -33.99
CA ARG C 162 4.32 -22.24 -34.31
C ARG C 162 4.58 -23.35 -33.28
N GLU C 163 5.84 -23.48 -32.81
CA GLU C 163 6.22 -24.45 -31.78
C GLU C 163 5.56 -24.11 -30.45
N ILE C 164 5.52 -22.80 -30.08
CA ILE C 164 4.87 -22.33 -28.84
C ILE C 164 3.38 -22.54 -28.93
N ARG C 165 2.79 -22.24 -30.11
CA ARG C 165 1.37 -22.38 -30.42
C ARG C 165 0.91 -23.82 -30.18
N LYS C 166 1.73 -24.82 -30.60
CA LYS C 166 1.49 -26.26 -30.41
C LYS C 166 1.42 -26.59 -28.90
N HIS C 167 1.98 -25.68 -28.06
CA HIS C 167 2.02 -25.60 -26.59
C HIS C 167 3.05 -26.48 -25.92
N LYS C 168 3.73 -25.88 -24.92
CA LYS C 168 4.78 -26.39 -24.04
C LYS C 168 4.42 -27.75 -23.44
N MET D 2 5.54 12.43 30.22
CA MET D 2 4.28 12.63 29.51
C MET D 2 3.53 11.30 29.41
N THR D 3 2.26 11.27 29.87
CA THR D 3 1.43 10.06 29.82
C THR D 3 0.02 10.43 29.33
N GLU D 4 -0.51 9.67 28.37
CA GLU D 4 -1.86 9.88 27.85
C GLU D 4 -2.83 9.02 28.65
N TYR D 5 -4.02 9.57 28.95
CA TYR D 5 -5.08 8.86 29.66
C TYR D 5 -6.36 8.99 28.88
N LYS D 6 -6.93 7.84 28.45
CA LYS D 6 -8.19 7.85 27.70
C LYS D 6 -9.33 7.68 28.68
N LEU D 7 -10.13 8.74 28.88
CA LEU D 7 -11.24 8.76 29.82
C LEU D 7 -12.56 8.80 29.06
N VAL D 8 -13.57 8.10 29.57
CA VAL D 8 -14.89 8.07 28.93
C VAL D 8 -15.92 8.56 29.96
N VAL D 9 -16.73 9.56 29.58
CA VAL D 9 -17.76 10.10 30.45
C VAL D 9 -19.09 9.51 29.94
N VAL D 10 -19.73 8.69 30.79
CA VAL D 10 -21.00 8.01 30.48
C VAL D 10 -22.10 8.43 31.45
N GLY D 11 -23.34 8.23 31.04
CA GLY D 11 -24.50 8.57 31.86
C GLY D 11 -25.71 8.94 31.03
N ALA D 12 -26.88 8.96 31.67
CA ALA D 12 -28.16 9.26 31.03
C ALA D 12 -28.26 10.70 30.47
N ASP D 13 -29.32 10.96 29.69
CA ASP D 13 -29.61 12.27 29.10
C ASP D 13 -29.65 13.39 30.14
N GLY D 14 -28.93 14.46 29.87
CA GLY D 14 -28.93 15.68 30.68
C GLY D 14 -28.35 15.65 32.08
N VAL D 15 -27.55 14.63 32.42
CA VAL D 15 -26.92 14.54 33.74
C VAL D 15 -25.79 15.58 33.94
N GLY D 16 -25.28 16.12 32.84
CA GLY D 16 -24.22 17.13 32.85
C GLY D 16 -22.86 16.61 32.44
N LYS D 17 -22.81 15.56 31.59
CA LYS D 17 -21.56 14.98 31.09
C LYS D 17 -20.71 16.01 30.36
N SER D 18 -21.32 16.75 29.42
CA SER D 18 -20.63 17.76 28.63
C SER D 18 -20.20 18.95 29.48
N ALA D 19 -21.10 19.43 30.36
CA ALA D 19 -20.82 20.56 31.24
C ALA D 19 -19.65 20.27 32.18
N LEU D 20 -19.53 19.03 32.69
CA LEU D 20 -18.43 18.64 33.55
C LEU D 20 -17.11 18.70 32.79
N THR D 21 -17.09 18.17 31.56
CA THR D 21 -15.90 18.14 30.68
C THR D 21 -15.49 19.57 30.29
N ILE D 22 -16.45 20.40 29.85
CA ILE D 22 -16.21 21.78 29.41
C ILE D 22 -15.71 22.64 30.59
N GLN D 23 -16.20 22.37 31.81
CA GLN D 23 -15.77 23.05 33.03
C GLN D 23 -14.29 22.75 33.30
N LEU D 24 -13.88 21.47 33.16
CA LEU D 24 -12.50 21.03 33.34
C LEU D 24 -11.53 21.64 32.32
N ILE D 25 -11.89 21.65 31.03
CA ILE D 25 -10.99 22.14 29.98
C ILE D 25 -11.06 23.66 29.75
N GLN D 26 -12.28 24.22 29.59
CA GLN D 26 -12.48 25.63 29.24
C GLN D 26 -12.76 26.59 30.40
N ASN D 27 -12.90 26.06 31.64
CA ASN D 27 -13.12 26.83 32.88
C ASN D 27 -14.40 27.70 32.85
N HIS D 28 -15.50 27.19 32.24
CA HIS D 28 -16.78 27.89 32.22
C HIS D 28 -17.96 26.91 32.22
N PHE D 29 -19.11 27.36 32.73
CA PHE D 29 -20.32 26.56 32.80
C PHE D 29 -21.22 26.72 31.59
N VAL D 30 -21.66 25.58 31.03
CA VAL D 30 -22.57 25.53 29.89
C VAL D 30 -23.98 25.61 30.47
N ASP D 31 -24.63 26.76 30.29
CA ASP D 31 -25.99 27.02 30.76
C ASP D 31 -26.98 26.79 29.62
N GLU D 32 -26.52 26.08 28.57
CA GLU D 32 -27.27 25.75 27.37
C GLU D 32 -27.42 24.22 27.26
N TYR D 33 -28.48 23.73 26.59
CA TYR D 33 -28.71 22.30 26.44
C TYR D 33 -28.61 21.91 24.97
N ASP D 34 -27.46 21.33 24.59
CA ASP D 34 -27.17 20.84 23.25
C ASP D 34 -26.72 19.38 23.33
N PRO D 35 -27.62 18.47 22.90
CA PRO D 35 -27.33 17.03 23.01
C PRO D 35 -26.09 16.60 22.27
N THR D 36 -25.30 15.74 22.92
CA THR D 36 -24.07 15.24 22.33
C THR D 36 -24.36 14.01 21.46
N ILE D 37 -23.63 13.89 20.34
CA ILE D 37 -23.64 12.69 19.52
C ILE D 37 -22.37 11.98 20.01
N GLU D 38 -21.20 12.60 19.82
CA GLU D 38 -19.91 12.16 20.32
C GLU D 38 -18.85 13.23 20.09
N ASP D 39 -18.14 13.59 21.15
CA ASP D 39 -17.09 14.60 21.09
C ASP D 39 -15.92 14.15 21.94
N SER D 40 -14.70 14.57 21.58
CA SER D 40 -13.53 14.25 22.38
C SER D 40 -12.72 15.51 22.61
N TYR D 41 -12.06 15.59 23.76
CA TYR D 41 -11.30 16.76 24.15
C TYR D 41 -9.96 16.37 24.74
N ARG D 42 -8.94 17.18 24.50
CA ARG D 42 -7.62 16.96 25.09
C ARG D 42 -7.34 18.06 26.09
N LYS D 43 -6.66 17.69 27.17
CA LYS D 43 -6.23 18.63 28.19
C LYS D 43 -4.95 18.16 28.83
N GLN D 44 -3.92 18.99 28.75
CA GLN D 44 -2.63 18.70 29.36
C GLN D 44 -2.64 19.32 30.76
N VAL D 45 -2.50 18.47 31.78
CA VAL D 45 -2.54 18.88 33.19
C VAL D 45 -1.49 18.11 33.98
N VAL D 46 -0.94 18.74 35.03
CA VAL D 46 0.02 18.08 35.92
C VAL D 46 -0.76 17.52 37.11
N ILE D 47 -0.76 16.18 37.27
CA ILE D 47 -1.46 15.48 38.36
C ILE D 47 -0.39 14.71 39.12
N ASP D 48 -0.19 15.07 40.41
CA ASP D 48 0.80 14.47 41.32
C ASP D 48 2.21 14.42 40.67
N GLY D 49 2.60 15.53 40.04
CA GLY D 49 3.90 15.68 39.39
C GLY D 49 4.02 15.13 37.99
N GLU D 50 3.03 14.35 37.55
CA GLU D 50 3.04 13.74 36.23
C GLU D 50 2.32 14.60 35.20
N THR D 51 2.97 14.85 34.03
CA THR D 51 2.35 15.59 32.93
C THR D 51 1.40 14.63 32.23
N CYS D 52 0.08 14.84 32.41
CA CYS D 52 -0.97 14.00 31.87
C CYS D 52 -1.64 14.65 30.70
N LEU D 53 -1.76 13.92 29.60
CA LEU D 53 -2.51 14.39 28.45
C LEU D 53 -3.82 13.62 28.51
N LEU D 54 -4.88 14.26 29.00
CA LEU D 54 -6.19 13.62 29.10
C LEU D 54 -6.88 13.67 27.76
N ASP D 55 -7.37 12.52 27.30
CA ASP D 55 -8.11 12.37 26.05
C ASP D 55 -9.49 11.91 26.51
N ILE D 56 -10.40 12.86 26.62
CA ILE D 56 -11.72 12.64 27.19
C ILE D 56 -12.80 12.49 26.16
N LEU D 57 -13.50 11.35 26.17
CA LEU D 57 -14.61 11.11 25.28
C LEU D 57 -15.92 11.43 25.97
N ASP D 58 -16.64 12.36 25.36
CA ASP D 58 -17.92 12.82 25.83
C ASP D 58 -18.97 12.08 24.99
N THR D 59 -19.75 11.20 25.65
CA THR D 59 -20.71 10.33 24.98
C THR D 59 -22.15 10.85 25.00
N ALA D 60 -23.02 10.21 24.20
CA ALA D 60 -24.44 10.57 24.10
C ALA D 60 -25.23 9.96 25.25
N GLY D 61 -26.29 10.67 25.67
CA GLY D 61 -27.23 10.24 26.70
C GLY D 61 -27.95 8.98 26.31
N GLN D 62 -28.35 8.89 25.03
CA GLN D 62 -29.00 7.71 24.47
C GLN D 62 -28.20 7.26 23.25
N GLU D 63 -27.41 6.20 23.43
CA GLU D 63 -26.52 5.65 22.42
C GLU D 63 -27.28 4.79 21.41
N GLU D 64 -27.23 5.16 20.12
CA GLU D 64 -27.93 4.44 19.05
C GLU D 64 -27.05 3.49 18.23
N TYR D 65 -25.72 3.59 18.40
CA TYR D 65 -24.72 2.79 17.68
C TYR D 65 -24.03 1.84 18.66
N SER D 66 -24.44 0.56 18.66
CA SER D 66 -23.90 -0.44 19.59
C SER D 66 -22.42 -0.80 19.36
N ALA D 67 -22.01 -1.02 18.09
CA ALA D 67 -20.62 -1.38 17.78
C ALA D 67 -19.61 -0.29 18.15
N MET D 68 -19.98 0.99 17.95
CA MET D 68 -19.15 2.13 18.30
C MET D 68 -19.04 2.31 19.81
N ARG D 69 -20.15 2.05 20.55
CA ARG D 69 -20.17 2.11 22.02
C ARG D 69 -19.23 1.04 22.58
N ASP D 70 -19.36 -0.22 22.09
CA ASP D 70 -18.49 -1.31 22.53
C ASP D 70 -17.01 -1.02 22.24
N GLN D 71 -16.72 -0.33 21.12
CA GLN D 71 -15.37 0.07 20.74
C GLN D 71 -14.80 1.13 21.70
N TYR D 72 -15.59 2.16 22.10
CA TYR D 72 -15.02 3.14 23.05
C TYR D 72 -14.90 2.57 24.46
N MET D 73 -15.69 1.54 24.78
CA MET D 73 -15.57 0.89 26.08
C MET D 73 -14.31 0.01 26.14
N ARG D 74 -13.93 -0.61 25.00
CA ARG D 74 -12.71 -1.41 24.89
C ARG D 74 -11.48 -0.49 24.90
N THR D 75 -11.55 0.63 24.18
CA THR D 75 -10.46 1.60 24.06
C THR D 75 -10.25 2.43 25.34
N GLY D 76 -11.35 2.86 25.98
CA GLY D 76 -11.31 3.67 27.19
C GLY D 76 -10.59 3.00 28.34
N GLU D 77 -9.73 3.76 29.03
CA GLU D 77 -8.96 3.25 30.17
C GLU D 77 -9.68 3.44 31.49
N GLY D 78 -10.47 4.51 31.59
CA GLY D 78 -11.23 4.85 32.78
C GLY D 78 -12.56 5.46 32.45
N PHE D 79 -13.53 5.29 33.35
CA PHE D 79 -14.91 5.75 33.12
C PHE D 79 -15.45 6.60 34.25
N LEU D 80 -16.04 7.75 33.90
CA LEU D 80 -16.75 8.59 34.85
C LEU D 80 -18.21 8.22 34.62
N CYS D 81 -18.84 7.54 35.59
CA CYS D 81 -20.23 7.13 35.49
C CYS D 81 -21.07 8.18 36.21
N VAL D 82 -21.69 9.06 35.40
CA VAL D 82 -22.40 10.23 35.87
C VAL D 82 -23.91 10.08 35.97
N PHE D 83 -24.46 10.52 37.10
CA PHE D 83 -25.89 10.62 37.32
C PHE D 83 -26.11 12.03 37.88
N ALA D 84 -27.36 12.52 37.83
CA ALA D 84 -27.72 13.81 38.39
C ALA D 84 -28.44 13.51 39.69
N ILE D 85 -28.09 14.21 40.78
CA ILE D 85 -28.65 13.98 42.12
C ILE D 85 -30.17 14.27 42.19
N ASN D 86 -30.72 15.01 41.20
CA ASN D 86 -32.15 15.33 41.13
C ASN D 86 -32.86 14.47 40.07
N ASN D 87 -32.21 13.39 39.61
CA ASN D 87 -32.76 12.49 38.59
C ASN D 87 -32.52 11.03 39.03
N THR D 88 -33.54 10.43 39.66
CA THR D 88 -33.51 9.05 40.15
C THR D 88 -33.29 8.03 39.02
N LYS D 89 -33.91 8.26 37.85
CA LYS D 89 -33.77 7.38 36.68
C LYS D 89 -32.30 7.29 36.23
N SER D 90 -31.59 8.43 36.20
CA SER D 90 -30.17 8.47 35.83
C SER D 90 -29.31 7.67 36.81
N PHE D 91 -29.69 7.66 38.12
CA PHE D 91 -28.99 6.90 39.15
C PHE D 91 -29.23 5.40 38.95
N GLU D 92 -30.48 5.01 38.62
CA GLU D 92 -30.87 3.62 38.35
C GLU D 92 -30.13 3.06 37.14
N ASP D 93 -29.81 3.91 36.15
CA ASP D 93 -29.07 3.58 34.93
C ASP D 93 -27.62 3.17 35.16
N ILE D 94 -26.99 3.67 36.25
CA ILE D 94 -25.58 3.41 36.60
C ILE D 94 -25.25 1.91 36.58
N HIS D 95 -26.17 1.07 37.10
CA HIS D 95 -26.01 -0.39 37.12
C HIS D 95 -25.79 -0.92 35.71
N HIS D 96 -26.62 -0.45 34.75
CA HIS D 96 -26.56 -0.83 33.36
C HIS D 96 -25.26 -0.35 32.68
N TYR D 97 -24.78 0.88 32.98
CA TYR D 97 -23.48 1.35 32.46
C TYR D 97 -22.33 0.50 32.99
N ARG D 98 -22.28 0.27 34.32
CA ARG D 98 -21.25 -0.53 34.99
C ARG D 98 -21.18 -1.95 34.41
N GLU D 99 -22.34 -2.62 34.28
CA GLU D 99 -22.45 -3.98 33.73
C GLU D 99 -22.00 -4.07 32.27
N GLN D 100 -22.37 -3.09 31.42
CA GLN D 100 -21.95 -3.09 30.01
C GLN D 100 -20.44 -2.89 29.87
N ILE D 101 -19.84 -1.96 30.66
CA ILE D 101 -18.39 -1.71 30.63
C ILE D 101 -17.65 -3.00 31.03
N LYS D 102 -18.08 -3.64 32.14
CA LYS D 102 -17.52 -4.91 32.63
C LYS D 102 -17.60 -6.01 31.57
N ARG D 103 -18.78 -6.15 30.90
CA ARG D 103 -19.02 -7.14 29.85
C ARG D 103 -18.06 -6.95 28.67
N VAL D 104 -17.99 -5.72 28.15
CA VAL D 104 -17.14 -5.34 27.01
C VAL D 104 -15.66 -5.55 27.30
N LYS D 105 -15.19 -5.07 28.46
CA LYS D 105 -13.80 -5.17 28.88
C LYS D 105 -13.43 -6.57 29.41
N ASP D 106 -14.46 -7.42 29.70
CA ASP D 106 -14.31 -8.79 30.23
C ASP D 106 -13.43 -8.78 31.50
N SER D 107 -13.72 -7.81 32.39
CA SER D 107 -12.98 -7.60 33.64
C SER D 107 -13.85 -6.97 34.72
N GLU D 108 -13.60 -7.37 35.97
CA GLU D 108 -14.28 -6.87 37.17
C GLU D 108 -13.48 -5.67 37.71
N ASP D 109 -12.21 -5.52 37.24
CA ASP D 109 -11.26 -4.47 37.63
C ASP D 109 -11.12 -3.42 36.52
N VAL D 110 -12.07 -2.47 36.51
CA VAL D 110 -12.09 -1.39 35.53
C VAL D 110 -12.01 -0.05 36.28
N PRO D 111 -11.00 0.82 35.99
CA PRO D 111 -10.94 2.15 36.63
C PRO D 111 -12.23 2.91 36.39
N MET D 112 -12.89 3.30 37.48
CA MET D 112 -14.20 3.93 37.43
C MET D 112 -14.43 4.83 38.63
N VAL D 113 -15.15 5.93 38.42
CA VAL D 113 -15.54 6.86 39.47
C VAL D 113 -17.03 7.12 39.31
N LEU D 114 -17.79 6.99 40.41
CA LEU D 114 -19.21 7.30 40.40
C LEU D 114 -19.33 8.81 40.66
N VAL D 115 -20.02 9.51 39.77
CA VAL D 115 -20.17 10.96 39.86
C VAL D 115 -21.64 11.36 40.04
N GLY D 116 -21.93 12.04 41.15
CA GLY D 116 -23.24 12.58 41.45
C GLY D 116 -23.22 14.06 41.15
N ASN D 117 -23.64 14.44 39.92
CA ASN D 117 -23.62 15.82 39.45
C ASN D 117 -24.85 16.63 39.86
N LYS D 118 -24.74 17.97 39.75
CA LYS D 118 -25.77 18.98 40.06
C LYS D 118 -25.97 19.14 41.58
N CYS D 119 -24.88 19.01 42.37
CA CYS D 119 -24.92 19.14 43.83
C CYS D 119 -25.17 20.60 44.31
N ASP D 120 -25.20 21.57 43.38
CA ASP D 120 -25.51 22.98 43.66
C ASP D 120 -27.02 23.17 43.83
N LEU D 121 -27.83 22.21 43.33
CA LEU D 121 -29.29 22.26 43.38
C LEU D 121 -29.88 21.73 44.70
N PRO D 122 -30.87 22.44 45.29
CA PRO D 122 -31.50 21.94 46.52
C PRO D 122 -32.68 20.98 46.25
N SER D 123 -32.78 20.49 45.01
CA SER D 123 -33.84 19.61 44.53
C SER D 123 -33.45 18.12 44.44
N ARG D 124 -32.51 17.69 45.30
CA ARG D 124 -32.00 16.32 45.40
C ARG D 124 -33.11 15.27 45.57
N THR D 125 -33.04 14.17 44.80
CA THR D 125 -33.95 13.02 44.87
C THR D 125 -33.14 11.75 45.22
N VAL D 126 -31.81 11.80 45.03
CA VAL D 126 -30.87 10.71 45.32
C VAL D 126 -29.97 11.12 46.50
N ASP D 127 -30.13 10.44 47.65
CA ASP D 127 -29.34 10.70 48.85
C ASP D 127 -27.87 10.33 48.66
N THR D 128 -26.96 11.12 49.28
CA THR D 128 -25.51 10.89 49.24
C THR D 128 -25.19 9.47 49.74
N LYS D 129 -25.87 9.03 50.82
CA LYS D 129 -25.69 7.71 51.45
C LYS D 129 -25.98 6.55 50.49
N GLN D 130 -27.10 6.64 49.73
CA GLN D 130 -27.48 5.62 48.74
C GLN D 130 -26.43 5.49 47.63
N ALA D 131 -25.91 6.63 47.17
CA ALA D 131 -24.88 6.70 46.13
C ALA D 131 -23.53 6.20 46.67
N GLN D 132 -23.21 6.52 47.95
CA GLN D 132 -22.00 6.07 48.64
C GLN D 132 -22.02 4.55 48.81
N ASP D 133 -23.19 3.99 49.15
CA ASP D 133 -23.42 2.54 49.31
C ASP D 133 -23.23 1.81 47.99
N LEU D 134 -23.73 2.39 46.87
CA LEU D 134 -23.57 1.79 45.55
C LEU D 134 -22.09 1.75 45.14
N ALA D 135 -21.36 2.86 45.31
CA ALA D 135 -19.93 2.95 44.99
C ALA D 135 -19.12 1.97 45.83
N ARG D 136 -19.48 1.82 47.12
CA ARG D 136 -18.84 0.90 48.06
C ARG D 136 -18.99 -0.54 47.56
N SER D 137 -20.22 -0.92 47.12
CA SER D 137 -20.52 -2.25 46.59
C SER D 137 -19.73 -2.56 45.30
N TYR D 138 -19.37 -1.52 44.54
CA TYR D 138 -18.58 -1.61 43.30
C TYR D 138 -17.08 -1.57 43.58
N GLY D 139 -16.70 -1.06 44.74
CA GLY D 139 -15.31 -0.88 45.14
C GLY D 139 -14.66 0.27 44.40
N ILE D 140 -15.45 1.33 44.12
CA ILE D 140 -15.01 2.52 43.37
C ILE D 140 -15.25 3.82 44.17
N PRO D 141 -14.51 4.92 43.89
CA PRO D 141 -14.76 6.17 44.62
C PRO D 141 -16.06 6.84 44.16
N PHE D 142 -16.66 7.64 45.05
CA PHE D 142 -17.87 8.41 44.77
C PHE D 142 -17.57 9.88 45.05
N ILE D 143 -17.84 10.75 44.08
CA ILE D 143 -17.61 12.18 44.20
C ILE D 143 -18.86 12.95 43.77
N GLU D 144 -19.33 13.87 44.63
CA GLU D 144 -20.44 14.76 44.31
C GLU D 144 -19.84 15.97 43.59
N THR D 145 -20.44 16.36 42.46
CA THR D 145 -19.91 17.47 41.66
C THR D 145 -20.99 18.48 41.29
N SER D 146 -20.54 19.65 40.83
CA SER D 146 -21.37 20.68 40.27
C SER D 146 -20.57 21.32 39.14
N ALA D 147 -21.03 21.16 37.89
CA ALA D 147 -20.38 21.77 36.74
C ALA D 147 -20.63 23.29 36.76
N LYS D 148 -21.67 23.73 37.51
CA LYS D 148 -22.04 25.15 37.65
C LYS D 148 -21.01 25.90 38.51
N THR D 149 -20.73 25.40 39.73
CA THR D 149 -19.81 26.03 40.68
C THR D 149 -18.36 25.54 40.58
N ARG D 150 -18.13 24.41 39.87
CA ARG D 150 -16.84 23.72 39.71
C ARG D 150 -16.52 22.81 40.93
N GLN D 151 -17.45 22.69 41.92
CA GLN D 151 -17.26 21.82 43.08
C GLN D 151 -17.01 20.38 42.60
N GLY D 152 -15.96 19.75 43.10
CA GLY D 152 -15.59 18.37 42.82
C GLY D 152 -15.19 17.98 41.41
N VAL D 153 -15.23 18.93 40.43
CA VAL D 153 -14.90 18.67 39.02
C VAL D 153 -13.47 18.13 38.84
N ASP D 154 -12.46 18.90 39.33
CA ASP D 154 -11.05 18.48 39.25
C ASP D 154 -10.84 17.20 40.03
N ASP D 155 -11.50 17.08 41.21
CA ASP D 155 -11.43 15.90 42.07
C ASP D 155 -11.90 14.64 41.32
N ALA D 156 -13.05 14.70 40.61
CA ALA D 156 -13.60 13.56 39.86
C ALA D 156 -12.65 13.09 38.76
N PHE D 157 -12.15 14.03 37.93
CA PHE D 157 -11.21 13.69 36.85
C PHE D 157 -9.85 13.23 37.35
N TYR D 158 -9.25 13.93 38.35
CA TYR D 158 -7.94 13.57 38.90
C TYR D 158 -8.01 12.21 39.60
N THR D 159 -9.12 11.93 40.33
CA THR D 159 -9.31 10.63 41.01
C THR D 159 -9.33 9.51 39.97
N LEU D 160 -10.06 9.72 38.84
CA LEU D 160 -10.12 8.74 37.76
C LEU D 160 -8.74 8.46 37.17
N VAL D 161 -7.93 9.51 36.95
CA VAL D 161 -6.54 9.37 36.47
C VAL D 161 -5.73 8.54 37.46
N ARG D 162 -5.89 8.82 38.77
CA ARG D 162 -5.20 8.07 39.84
C ARG D 162 -5.60 6.60 39.82
N GLU D 163 -6.89 6.31 39.55
CA GLU D 163 -7.41 4.94 39.44
C GLU D 163 -6.79 4.22 38.24
N ILE D 164 -6.67 4.92 37.08
CA ILE D 164 -6.06 4.37 35.86
C ILE D 164 -4.57 4.10 36.10
N ARG D 165 -3.88 5.07 36.71
CA ARG D 165 -2.45 4.99 37.07
C ARG D 165 -2.17 3.72 37.89
N LYS D 166 -3.03 3.43 38.91
CA LYS D 166 -2.91 2.25 39.79
C LYS D 166 -3.06 0.95 38.99
N HIS D 167 -4.05 0.93 38.06
CA HIS D 167 -4.36 -0.21 37.20
C HIS D 167 -3.19 -0.53 36.26
N LYS D 168 -2.55 0.52 35.70
CA LYS D 168 -1.41 0.39 34.79
C LYS D 168 -0.11 0.86 35.45
MG MG E . 10.23 18.89 10.25
PG GCP F . 13.46 19.19 10.61
O1G GCP F . 14.21 18.00 11.04
O2G GCP F . 14.23 20.50 11.16
O3G GCP F . 11.99 19.16 11.22
C3B GCP F . 13.39 19.29 8.80
PB GCP F . 12.42 17.96 8.02
O1B GCP F . 13.14 16.67 8.08
O2B GCP F . 10.99 17.82 8.72
O3A GCP F . 12.28 18.37 6.47
PA GCP F . 11.13 19.30 5.82
O1A GCP F . 9.93 18.46 5.49
O2A GCP F . 10.94 20.60 6.58
O5' GCP F . 11.85 19.62 4.42
C5' GCP F . 13.08 20.34 4.32
C4' GCP F . 13.24 20.82 2.88
O4' GCP F . 13.30 19.68 2.00
C3' GCP F . 12.05 21.67 2.43
O3' GCP F . 12.56 22.77 1.65
C2' GCP F . 11.23 20.74 1.56
O2' GCP F . 10.49 21.39 0.53
C1' GCP F . 12.27 19.76 1.02
N9 GCP F . 11.71 18.41 0.76
C8 GCP F . 11.15 17.56 1.65
N7 GCP F . 10.78 16.40 1.05
C5 GCP F . 11.15 16.48 -0.24
C6 GCP F . 11.06 15.63 -1.44
O6 GCP F . 10.56 14.49 -1.39
N1 GCP F . 11.55 16.11 -2.59
C2 GCP F . 12.10 17.33 -2.71
N2 GCP F . 12.56 17.73 -3.92
N3 GCP F . 12.22 18.18 -1.65
C4 GCP F . 11.76 17.81 -0.43
C4 R6W G . 4.91 12.82 22.61
C5 R6W G . 3.83 12.12 23.13
C6 R6W G . 4.00 11.24 24.17
C7 R6W G . 2.38 12.11 22.68
C15 R6W G . 2.84 10.53 20.60
C17 R6W G . 2.66 9.42 18.43
C20 R6W G . 0.09 13.09 20.63
C24 R6W G . -3.62 13.26 20.70
C26 R6W G . -5.83 12.04 20.40
C28 R6W G . -7.98 11.14 19.41
C1 R6W G . 5.25 11.08 24.77
C2 R6W G . 6.33 11.78 24.28
C3 R6W G . 6.16 12.67 23.20
N8 R6W G . 1.80 11.15 23.66
C9 R6W G . 2.68 10.65 24.53
O10 R6W G . 2.45 9.84 25.42
C11 R6W G . 2.14 11.61 21.26
C12 R6W G . 1.15 12.01 20.42
N13 R6W G . 1.21 11.29 19.25
C14 R6W G . 2.24 10.38 19.34
C16 R6W G . 3.91 9.70 20.92
C18 R6W G . 3.74 8.61 18.77
C19 R6W G . 4.37 8.77 20.00
N21 R6W G . -1.24 12.45 20.73
O22 R6W G . 7.23 13.35 22.72
C23 R6W G . -2.26 13.26 21.40
C25 R6W G . -4.33 11.91 20.59
C27 R6W G . -6.48 10.99 19.49
C29 R6W G . -13.14 4.05 19.37
C30 R6W G . -14.49 4.36 19.43
C31 R6W G . -14.89 5.68 19.63
C32 R6W G . -13.95 6.69 19.80
C33 R6W G . -12.59 6.36 19.74
C34 R6W G . -12.19 5.06 19.52
C35 R6W G . -11.37 7.25 19.84
N36 R6W G . -10.30 6.26 19.65
C37 R6W G . -10.72 5.00 19.46
O38 R6W G . -10.01 4.02 19.27
C39 R6W G . -11.18 8.01 21.14
C40 R6W G . -10.68 9.27 21.27
N41 R6W G . -10.59 9.61 22.61
C42 R6W G . -11.03 8.55 23.37
C43 R6W G . -11.41 7.52 22.48
C44 R6W G . -11.91 6.32 23.02
C45 R6W G . -11.15 8.42 24.74
C46 R6W G . -11.66 7.22 25.26
C47 R6W G . -12.02 6.18 24.41
C48 R6W G . -10.17 10.24 20.24
N49 R6W G . -8.68 10.20 20.35
O50 R6W G . -16.21 5.98 19.72
MG MG H . -8.87 7.69 -21.02
PG GCP I . -12.04 8.06 -21.54
O1G GCP I . -12.94 6.99 -21.07
O2G GCP I . -10.60 7.43 -21.87
O3G GCP I . -12.63 8.69 -22.89
C3B GCP I . -11.88 9.35 -20.30
PB GCP I . -10.98 8.82 -18.82
O1B GCP I . -11.79 7.91 -17.98
O2B GCP I . -9.60 8.13 -19.23
O3A GCP I . -10.73 10.16 -17.98
PA GCP I . -9.50 11.17 -18.15
O1A GCP I . -9.29 11.53 -19.59
O2A GCP I . -8.32 10.68 -17.33
O5' GCP I . -10.09 12.42 -17.33
C5' GCP I . -11.21 13.18 -17.81
C4' GCP I . -11.26 14.54 -17.10
O4' GCP I . -11.41 14.33 -15.69
C3' GCP I . -9.98 15.35 -17.30
O3' GCP I . -10.36 16.73 -17.42
C2' GCP I . -9.20 15.16 -16.00
O2' GCP I . -8.34 16.24 -15.68
C1' GCP I . -10.34 14.98 -14.99
N9 GCP I . -9.92 14.13 -13.87
C8 GCP I . -9.49 12.85 -13.93
N7 GCP I . -9.18 12.39 -12.70
C5 GCP I . -9.45 13.37 -11.83
C6 GCP I . -9.37 13.55 -10.35
O6 GCP I . -8.98 12.61 -9.62
N1 GCP I . -9.77 14.72 -9.85
C2 GCP I . -10.23 15.75 -10.61
N2 GCP I . -10.58 16.92 -10.02
N3 GCP I . -10.31 15.66 -11.97
C4 GCP I . -9.97 14.51 -12.60
MG MG J . 23.91 -9.07 -28.54
PG GCP K . 26.61 -10.57 -27.52
O1G GCP K . 25.34 -9.85 -27.23
O2G GCP K . 26.52 -12.08 -27.05
O3G GCP K . 27.82 -9.83 -26.78
C3B GCP K . 26.94 -10.49 -29.30
PB GCP K . 25.59 -11.11 -30.34
O1B GCP K . 25.42 -12.57 -30.21
O2B GCP K . 24.23 -10.33 -29.99
O3A GCP K . 26.03 -10.78 -31.85
PA GCP K . 25.75 -9.41 -32.64
O1A GCP K . 24.37 -9.45 -33.24
O2A GCP K . 26.16 -8.19 -31.86
O5' GCP K . 26.77 -9.64 -33.87
C5' GCP K . 28.17 -9.80 -33.63
C4' GCP K . 28.93 -9.63 -34.94
O4' GCP K . 28.48 -10.59 -35.89
C3' GCP K . 28.70 -8.25 -35.55
O3' GCP K . 29.94 -7.80 -36.10
C2' GCP K . 27.68 -8.49 -36.66
O2' GCP K . 27.80 -7.56 -37.73
C1' GCP K . 27.99 -9.93 -37.06
N9 GCP K . 26.84 -10.67 -37.61
C8 GCP K . 25.71 -11.02 -36.96
N7 GCP K . 24.91 -11.78 -37.74
C5 GCP K . 25.57 -11.97 -38.91
C6 GCP K . 25.31 -12.69 -40.18
O6 GCP K . 24.24 -13.33 -40.34
N1 GCP K . 26.27 -12.65 -41.13
C2 GCP K . 27.43 -11.97 -40.98
N2 GCP K . 28.33 -11.98 -42.00
N3 GCP K . 27.73 -11.30 -39.84
C4 GCP K . 26.85 -11.27 -38.79
C4 R6W L . -4.67 -5.79 -25.52
C5 R6W L . -3.71 -6.78 -25.37
C6 R6W L . -4.04 -8.11 -25.54
C7 R6W L . -2.25 -6.68 -24.99
C15 R6W L . -2.78 -6.23 -22.43
C17 R6W L . -2.63 -5.45 -20.12
C20 R6W L . 0.23 -4.79 -24.14
C24 R6W L . 3.84 -6.06 -24.22
C26 R6W L . 5.94 -6.27 -22.75
C28 R6W L . 8.07 -6.21 -21.36
C1 R6W L . -5.34 -8.48 -25.89
C2 R6W L . -6.30 -7.49 -26.06
C3 R6W L . -5.96 -6.15 -25.89
N8 R6W L . -1.85 -8.10 -24.99
C9 R6W L . -2.85 -8.96 -25.30
O10 R6W L . -2.76 -10.17 -25.36
C11 R6W L . -1.99 -6.04 -23.63
C12 R6W L . -0.93 -5.26 -23.29
N13 R6W L . -1.02 -4.88 -21.97
C14 R6W L . -2.15 -5.48 -21.42
C16 R6W L . -3.95 -6.91 -22.12
C18 R6W L . -3.79 -6.14 -19.83
C19 R6W L . -4.46 -6.86 -20.83
N21 R6W L . 1.43 -5.52 -23.74
O22 R6W L . -6.90 -5.18 -26.03
C23 R6W L . 2.64 -5.13 -24.47
C25 R6W L . 4.45 -5.96 -22.83
C27 R6W L . 6.56 -6.11 -21.37
C29 R6W L . 12.11 -11.90 -16.08
C30 R6W L . 13.48 -11.93 -16.21
C31 R6W L . 14.10 -11.19 -17.23
C32 R6W L . 13.34 -10.47 -18.15
C33 R6W L . 11.96 -10.45 -18.00
C34 R6W L . 11.34 -11.15 -16.97
C35 R6W L . 10.90 -9.72 -18.81
N36 R6W L . 9.67 -10.11 -18.08
C37 R6W L . 9.88 -10.95 -17.06
O38 R6W L . 9.01 -11.40 -16.31
C39 R6W L . 10.76 -10.08 -20.28
C40 R6W L . 10.36 -9.23 -21.27
N41 R6W L . 10.33 -9.91 -22.46
C42 R6W L . 10.63 -11.23 -22.25
C43 R6W L . 10.93 -11.38 -20.88
C44 R6W L . 11.28 -12.65 -20.41
C45 R6W L . 10.70 -12.31 -23.14
C46 R6W L . 11.05 -13.55 -22.64
C47 R6W L . 11.35 -13.72 -21.29
C48 R6W L . 10.02 -7.77 -21.22
N49 R6W L . 8.54 -7.64 -21.36
O50 R6W L . 15.46 -11.27 -17.37
MG MG M . -23.57 16.00 26.34
PG GCP N . -26.52 14.68 26.65
O1G GCP N . -26.75 13.42 27.36
O2G GCP N . -25.05 14.78 26.03
O3G GCP N . -27.59 14.87 25.47
C3B GCP N . -26.69 16.04 27.82
PB GCP N . -25.34 16.04 29.03
O1B GCP N . -25.42 14.83 29.88
O2B GCP N . -23.93 16.21 28.30
O3A GCP N . -25.62 17.31 29.96
PA GCP N . -25.15 18.79 29.61
O1A GCP N . -23.77 19.03 30.13
O2A GCP N . -25.46 19.14 28.17
O5' GCP N . -26.15 19.64 30.55
C5' GCP N . -27.55 19.39 30.59
C4' GCP N . -28.25 20.53 31.33
O4' GCP N . -27.95 20.46 32.72
C3' GCP N . -27.83 21.91 30.84
O3' GCP N . -28.99 22.75 30.85
C2' GCP N . -26.82 22.37 31.88
O2' GCP N . -26.82 23.79 32.06
C1' GCP N . -27.29 21.65 33.13
N9 GCP N . -26.20 21.29 34.06
C8 GCP N . -25.15 20.47 33.83
N7 GCP N . -24.40 20.33 34.94
C5 GCP N . -25.01 21.01 35.92
C6 GCP N . -24.77 21.28 37.37
O6 GCP N . -23.78 20.80 37.93
N1 GCP N . -25.66 22.05 38.02
C2 GCP N . -26.75 22.59 37.43
N2 GCP N . -27.61 23.33 38.17
N3 GCP N . -27.04 22.37 36.12
C4 GCP N . -26.22 21.61 35.35
#